data_2MLP
#
_entry.id   2MLP
#
_cell.length_a   1.000
_cell.length_b   1.000
_cell.length_c   1.000
_cell.angle_alpha   90.00
_cell.angle_beta   90.00
_cell.angle_gamma   90.00
#
_symmetry.space_group_name_H-M   'P 1'
#
_entity_poly.entity_id   1
_entity_poly.type   'polypeptide(L)'
_entity_poly.pdbx_seq_one_letter_code
;MELKASEFGVVLSVDALKLSRQSPLG(NH2)
;
_entity_poly.pdbx_strand_id   A
#
# COMPACT_ATOMS: atom_id res chain seq x y z
N MET A 1 -4.39 21.97 6.98
CA MET A 1 -2.96 21.53 7.04
C MET A 1 -2.86 19.96 7.21
N GLU A 2 -2.60 19.22 6.11
CA GLU A 2 -2.95 17.76 5.99
C GLU A 2 -2.18 17.06 4.81
N LEU A 3 -2.86 16.80 3.66
CA LEU A 3 -2.24 16.38 2.36
C LEU A 3 -0.99 15.42 2.52
N LYS A 4 -1.04 14.44 3.44
CA LYS A 4 -0.23 13.17 3.40
C LYS A 4 0.30 12.80 1.96
N ALA A 5 1.48 13.31 1.55
CA ALA A 5 2.27 12.81 0.38
C ALA A 5 3.71 12.29 0.72
N SER A 6 4.34 12.81 1.80
CA SER A 6 5.40 12.06 2.56
C SER A 6 4.82 10.79 3.32
N GLU A 7 3.53 10.46 3.08
CA GLU A 7 2.84 9.20 3.52
C GLU A 7 1.87 8.63 2.42
N PHE A 8 1.73 9.32 1.27
CA PHE A 8 1.02 8.81 0.05
C PHE A 8 1.83 7.70 -0.73
N GLY A 9 3.18 7.71 -0.62
CA GLY A 9 4.06 6.60 -1.13
C GLY A 9 4.08 5.35 -0.16
N VAL A 10 4.04 5.60 1.16
CA VAL A 10 3.57 4.64 2.21
C VAL A 10 2.19 3.97 1.81
N VAL A 11 1.32 4.72 1.09
CA VAL A 11 -0.06 4.29 0.72
C VAL A 11 -0.03 3.26 -0.46
N LEU A 12 0.48 3.69 -1.64
CA LEU A 12 0.50 2.88 -2.90
C LEU A 12 1.50 1.68 -2.86
N SER A 13 2.59 1.81 -2.05
CA SER A 13 3.44 0.67 -1.59
C SER A 13 2.75 -0.25 -0.49
N VAL A 14 1.82 0.33 0.30
CA VAL A 14 0.82 -0.47 1.08
C VAL A 14 -0.15 -1.23 0.09
N ASP A 15 -0.41 -0.64 -1.09
CA ASP A 15 -1.27 -1.24 -2.16
C ASP A 15 -0.57 -2.48 -2.86
N ALA A 16 0.77 -2.41 -3.04
CA ALA A 16 1.69 -3.59 -3.17
C ALA A 16 1.51 -4.68 -2.04
N LEU A 17 1.07 -4.23 -0.86
CA LEU A 17 0.52 -5.12 0.23
C LEU A 17 -1.01 -5.44 0.14
N LYS A 18 -1.79 -4.71 -0.68
CA LYS A 18 -3.09 -5.22 -1.25
C LYS A 18 -2.85 -6.37 -2.31
N LEU A 19 -1.58 -6.52 -2.75
CA LEU A 19 -0.89 -7.72 -3.31
C LEU A 19 -0.28 -8.66 -2.20
N SER A 20 0.26 -8.04 -1.11
CA SER A 20 0.44 -8.76 0.21
C SER A 20 -0.82 -9.72 0.44
N ARG A 21 -2.01 -9.22 0.01
CA ARG A 21 -3.38 -9.81 -0.09
C ARG A 21 -3.66 -10.40 -1.53
N GLN A 22 -3.46 -9.54 -2.56
CA GLN A 22 -3.96 -9.51 -3.98
C GLN A 22 -5.52 -9.62 -4.21
N SER A 23 -6.21 -10.27 -3.27
CA SER A 23 -7.58 -10.86 -3.48
C SER A 23 -8.19 -11.68 -2.27
N PRO A 24 -9.09 -11.16 -1.39
CA PRO A 24 -9.85 -11.86 -0.31
C PRO A 24 -9.72 -13.42 -0.21
N LEU A 25 -8.51 -13.91 0.12
CA LEU A 25 -8.13 -15.36 0.28
C LEU A 25 -8.97 -16.39 -0.56
N GLY A 26 -8.99 -17.67 -0.12
CA GLY A 26 -9.97 -18.71 -0.58
C GLY A 26 -11.37 -18.17 -1.03
N MET A 1 1.51 19.88 6.71
CA MET A 1 1.31 18.39 6.71
C MET A 1 0.02 17.98 7.52
N GLU A 2 -1.06 17.57 6.82
CA GLU A 2 -2.42 17.39 7.41
C GLU A 2 -2.97 15.92 7.26
N LEU A 3 -2.07 14.94 7.03
CA LEU A 3 -2.37 13.49 6.75
C LEU A 3 -1.38 12.85 5.69
N LYS A 4 -0.06 12.99 5.88
CA LYS A 4 0.97 12.06 5.28
C LYS A 4 0.82 11.88 3.72
N ALA A 5 0.90 12.97 2.94
CA ALA A 5 1.28 12.94 1.48
C ALA A 5 2.81 12.68 1.23
N SER A 6 3.70 13.09 2.15
CA SER A 6 5.05 12.44 2.33
C SER A 6 4.95 10.96 2.90
N GLU A 7 3.72 10.41 2.95
CA GLU A 7 3.41 8.95 3.16
C GLU A 7 2.13 8.51 2.35
N PHE A 8 1.77 9.26 1.29
CA PHE A 8 0.94 8.75 0.15
C PHE A 8 1.71 7.71 -0.76
N GLY A 9 3.04 7.85 -0.86
CA GLY A 9 3.93 6.83 -1.54
C GLY A 9 4.24 5.61 -0.59
N VAL A 10 4.24 5.86 0.74
CA VAL A 10 4.01 4.83 1.81
C VAL A 10 2.63 4.08 1.62
N VAL A 11 1.62 4.74 1.03
CA VAL A 11 0.25 4.18 0.76
C VAL A 11 0.29 3.19 -0.47
N LEU A 12 0.96 3.61 -1.56
CA LEU A 12 1.12 2.80 -2.82
C LEU A 12 2.03 1.54 -2.64
N SER A 13 2.97 1.60 -1.66
CA SER A 13 3.68 0.40 -1.11
C SER A 13 2.78 -0.50 -0.16
N VAL A 14 1.77 0.10 0.48
CA VAL A 14 0.61 -0.65 1.06
C VAL A 14 -0.24 -1.32 -0.09
N ASP A 15 -0.29 -0.68 -1.27
CA ASP A 15 -0.96 -1.20 -2.50
C ASP A 15 -0.20 -2.46 -3.08
N ALA A 16 1.15 -2.45 -2.98
CA ALA A 16 2.01 -3.69 -2.99
C ALA A 16 1.60 -4.74 -1.89
N LEU A 17 1.03 -4.23 -0.77
CA LEU A 17 0.29 -5.05 0.25
C LEU A 17 -1.26 -5.23 0.00
N LYS A 18 -1.84 -4.65 -1.07
CA LYS A 18 -3.09 -5.17 -1.73
C LYS A 18 -2.79 -6.48 -2.58
N LEU A 19 -1.53 -6.53 -3.08
CA LEU A 19 -0.72 -7.74 -3.45
C LEU A 19 -0.35 -8.67 -2.23
N SER A 20 0.00 -8.04 -1.09
CA SER A 20 -0.03 -8.73 0.25
C SER A 20 -1.27 -9.70 0.34
N ARG A 21 -2.43 -9.19 -0.15
CA ARG A 21 -3.82 -9.75 0.00
C ARG A 21 -4.12 -10.90 -1.04
N GLN A 22 -3.70 -10.66 -2.31
CA GLN A 22 -3.45 -11.74 -3.32
C GLN A 22 -2.79 -13.01 -2.65
N SER A 23 -1.47 -12.88 -2.38
CA SER A 23 -0.64 -13.89 -1.63
C SER A 23 -1.32 -14.38 -0.29
N PRO A 24 -2.11 -15.48 -0.21
CA PRO A 24 -2.86 -15.90 1.02
C PRO A 24 -1.95 -16.28 2.25
N LEU A 25 -2.40 -17.29 3.04
CA LEU A 25 -2.00 -17.53 4.46
C LEU A 25 -0.66 -18.33 4.63
N GLY A 26 -0.24 -18.64 5.87
CA GLY A 26 0.68 -19.76 6.21
C GLY A 26 1.71 -20.22 5.11
N MET A 1 -9.32 11.00 0.57
CA MET A 1 -8.61 10.80 1.88
C MET A 1 -7.44 11.82 2.06
N GLU A 2 -6.23 11.51 1.55
CA GLU A 2 -4.95 12.19 1.94
C GLU A 2 -4.61 12.00 3.47
N LEU A 3 -4.18 13.05 4.20
CA LEU A 3 -3.69 12.94 5.60
C LEU A 3 -2.42 12.02 5.76
N LYS A 4 -1.27 12.44 5.20
CA LYS A 4 -0.08 11.62 4.82
C LYS A 4 0.16 11.59 3.26
N ALA A 5 0.59 12.72 2.66
CA ALA A 5 1.32 12.75 1.35
C ALA A 5 2.88 12.51 1.46
N SER A 6 3.53 12.91 2.57
CA SER A 6 4.82 12.29 3.02
C SER A 6 4.66 10.78 3.48
N GLU A 7 3.45 10.21 3.30
CA GLU A 7 3.14 8.75 3.43
C GLU A 7 2.08 8.27 2.37
N PHE A 8 1.84 9.09 1.31
CA PHE A 8 1.12 8.63 0.07
C PHE A 8 1.97 7.64 -0.81
N GLY A 9 3.32 7.74 -0.75
CA GLY A 9 4.24 6.72 -1.35
C GLY A 9 4.36 5.42 -0.45
N VAL A 10 4.35 5.62 0.88
CA VAL A 10 3.98 4.59 1.91
C VAL A 10 2.59 3.90 1.56
N VAL A 11 1.68 4.62 0.89
CA VAL A 11 0.31 4.12 0.53
C VAL A 11 0.38 3.13 -0.70
N LEU A 12 0.86 3.61 -1.86
CA LEU A 12 0.90 2.84 -3.15
C LEU A 12 1.85 1.58 -3.10
N SER A 13 2.86 1.62 -2.20
CA SER A 13 3.60 0.40 -1.74
C SER A 13 2.78 -0.54 -0.76
N VAL A 14 1.85 0.07 0.01
CA VAL A 14 0.74 -0.66 0.69
C VAL A 14 -0.32 -1.20 -0.36
N ASP A 15 -0.36 -0.63 -1.58
CA ASP A 15 -1.10 -1.21 -2.75
C ASP A 15 -0.36 -2.48 -3.32
N ALA A 16 0.99 -2.44 -3.35
CA ALA A 16 1.89 -3.64 -3.26
C ALA A 16 1.53 -4.59 -2.03
N LEU A 17 0.98 -3.96 -0.97
CA LEU A 17 0.34 -4.65 0.20
C LEU A 17 -1.20 -4.94 0.02
N LYS A 18 -1.84 -4.48 -1.06
CA LYS A 18 -3.08 -5.11 -1.65
C LYS A 18 -2.73 -6.41 -2.50
N LEU A 19 -1.44 -6.52 -2.89
CA LEU A 19 -0.66 -7.75 -3.22
C LEU A 19 -0.22 -8.55 -1.94
N SER A 20 0.04 -7.81 -0.84
CA SER A 20 0.04 -8.38 0.55
C SER A 20 -1.16 -9.41 0.73
N ARG A 21 -2.33 -9.04 0.15
CA ARG A 21 -3.70 -9.56 0.46
C ARG A 21 -4.15 -10.71 -0.53
N GLN A 22 -4.08 -10.40 -1.85
CA GLN A 22 -4.07 -11.42 -2.95
C GLN A 22 -3.25 -12.70 -2.58
N SER A 23 -1.91 -12.62 -2.72
CA SER A 23 -0.89 -13.66 -2.32
C SER A 23 -1.50 -15.09 -2.01
N PRO A 24 -1.49 -16.12 -2.90
CA PRO A 24 -2.12 -17.45 -2.66
C PRO A 24 -1.53 -18.27 -1.46
N LEU A 25 -1.42 -19.61 -1.64
CA LEU A 25 -1.37 -20.62 -0.51
C LEU A 25 0.07 -20.88 0.14
N GLY A 26 0.93 -19.87 0.01
CA GLY A 26 2.29 -19.83 0.65
C GLY A 26 2.33 -20.46 2.09
N MET A 1 1.01 19.32 8.70
CA MET A 1 0.83 17.84 8.59
C MET A 1 -0.67 17.46 8.30
N GLU A 2 -0.92 16.60 7.29
CA GLU A 2 -2.30 16.18 6.88
C GLU A 2 -2.50 14.62 6.86
N LEU A 3 -3.48 14.12 6.07
CA LEU A 3 -3.73 12.66 5.82
C LEU A 3 -2.46 11.84 5.40
N LYS A 4 -1.27 12.46 5.22
CA LYS A 4 0.03 11.80 4.91
C LYS A 4 0.30 11.67 3.36
N ALA A 5 0.48 12.80 2.65
CA ALA A 5 1.16 12.85 1.30
C ALA A 5 2.73 12.71 1.36
N SER A 6 3.38 13.13 2.47
CA SER A 6 4.72 12.58 2.88
C SER A 6 4.63 11.08 3.37
N GLU A 7 3.47 10.44 3.21
CA GLU A 7 3.20 8.97 3.43
C GLU A 7 2.20 8.39 2.37
N PHE A 8 1.94 9.14 1.27
CA PHE A 8 1.17 8.64 0.07
C PHE A 8 1.97 7.61 -0.80
N GLY A 9 3.31 7.73 -0.83
CA GLY A 9 4.21 6.69 -1.45
C GLY A 9 4.39 5.42 -0.53
N VAL A 10 4.42 5.66 0.80
CA VAL A 10 4.10 4.65 1.88
C VAL A 10 2.74 3.91 1.57
N VAL A 11 1.77 4.59 0.94
CA VAL A 11 0.40 4.07 0.64
C VAL A 11 0.44 3.08 -0.57
N LEU A 12 0.91 3.55 -1.75
CA LEU A 12 1.03 2.77 -3.02
C LEU A 12 1.95 1.51 -2.92
N SER A 13 2.95 1.55 -2.01
CA SER A 13 3.69 0.34 -1.52
C SER A 13 2.86 -0.60 -0.55
N VAL A 14 1.90 0.00 0.19
CA VAL A 14 0.77 -0.74 0.83
C VAL A 14 -0.26 -1.28 -0.24
N ASP A 15 -0.27 -0.70 -1.45
CA ASP A 15 -1.05 -1.22 -2.63
C ASP A 15 -0.38 -2.49 -3.26
N ALA A 16 0.98 -2.51 -3.32
CA ALA A 16 1.83 -3.74 -3.30
C ALA A 16 1.48 -4.69 -2.08
N LEU A 17 0.99 -4.09 -0.99
CA LEU A 17 0.35 -4.76 0.19
C LEU A 17 -1.19 -5.03 0.03
N LYS A 18 -1.84 -4.52 -1.04
CA LYS A 18 -3.09 -5.10 -1.63
C LYS A 18 -2.79 -6.38 -2.52
N LEU A 19 -1.50 -6.51 -2.93
CA LEU A 19 -0.76 -7.76 -3.31
C LEU A 19 -0.31 -8.59 -2.04
N SER A 20 -0.04 -7.88 -0.92
CA SER A 20 -0.03 -8.50 0.45
C SER A 20 -1.24 -9.51 0.61
N ARG A 21 -2.40 -9.10 0.03
CA ARG A 21 -3.79 -9.63 0.29
C ARG A 21 -4.20 -10.74 -0.75
N GLN A 22 -4.11 -10.39 -2.06
CA GLN A 22 -4.12 -11.36 -3.20
C GLN A 22 -3.24 -12.65 -2.91
N SER A 23 -1.93 -12.52 -3.14
CA SER A 23 -0.92 -13.64 -3.09
C SER A 23 -1.28 -14.78 -2.05
N PRO A 24 -1.63 -16.05 -2.43
CA PRO A 24 -1.94 -17.23 -1.53
C PRO A 24 -1.83 -17.01 0.02
N LEU A 25 -2.65 -16.09 0.55
CA LEU A 25 -2.57 -15.49 1.93
C LEU A 25 -1.15 -15.53 2.60
N GLY A 26 -1.10 -15.37 3.95
CA GLY A 26 0.13 -15.58 4.78
C GLY A 26 0.35 -17.06 5.25
N MET A 1 -9.08 13.08 4.76
CA MET A 1 -9.02 14.53 4.39
C MET A 1 -7.53 15.03 4.29
N GLU A 2 -6.63 14.59 5.18
CA GLU A 2 -5.15 14.60 4.97
C GLU A 2 -4.50 13.16 5.02
N LEU A 3 -4.93 12.25 4.11
CA LEU A 3 -4.45 10.82 4.03
C LEU A 3 -2.91 10.64 3.74
N LYS A 4 -2.02 11.63 3.97
CA LYS A 4 -0.54 11.44 3.96
C LYS A 4 0.07 11.54 2.50
N ALA A 5 0.60 12.72 2.10
CA ALA A 5 1.58 12.85 0.96
C ALA A 5 3.09 12.68 1.36
N SER A 6 3.48 13.04 2.61
CA SER A 6 4.67 12.44 3.29
C SER A 6 4.47 10.92 3.69
N GLU A 7 3.36 10.31 3.24
CA GLU A 7 3.02 8.86 3.40
C GLU A 7 2.20 8.30 2.17
N PHE A 8 2.13 9.07 1.06
CA PHE A 8 1.42 8.65 -0.21
C PHE A 8 2.20 7.55 -1.02
N GLY A 9 3.55 7.50 -0.88
CA GLY A 9 4.38 6.34 -1.33
C GLY A 9 4.33 5.12 -0.33
N VAL A 10 4.24 5.42 0.98
CA VAL A 10 3.73 4.49 2.05
C VAL A 10 2.31 3.90 1.66
N VAL A 11 1.49 4.66 0.92
CA VAL A 11 0.09 4.29 0.51
C VAL A 11 0.11 3.26 -0.67
N LEU A 12 0.63 3.69 -1.85
CA LEU A 12 0.65 2.88 -3.11
C LEU A 12 1.63 1.66 -3.07
N SER A 13 2.73 1.79 -2.28
CA SER A 13 3.57 0.64 -1.82
C SER A 13 2.90 -0.24 -0.69
N VAL A 14 1.96 0.35 0.09
CA VAL A 14 0.95 -0.42 0.87
C VAL A 14 -0.04 -1.17 -0.10
N ASP A 15 -0.29 -0.60 -1.29
CA ASP A 15 -1.14 -1.20 -2.36
C ASP A 15 -0.44 -2.47 -3.02
N ALA A 16 0.91 -2.42 -3.14
CA ALA A 16 1.80 -3.62 -3.24
C ALA A 16 1.58 -4.69 -2.10
N LEU A 17 1.15 -4.21 -0.91
CA LEU A 17 0.56 -5.08 0.16
C LEU A 17 -1.00 -5.32 0.08
N LYS A 18 -1.73 -4.62 -0.81
CA LYS A 18 -3.05 -5.12 -1.37
C LYS A 18 -2.81 -6.34 -2.37
N LEU A 19 -1.56 -6.48 -2.85
CA LEU A 19 -0.86 -7.70 -3.36
C LEU A 19 -0.37 -8.66 -2.21
N SER A 20 0.18 -8.05 -1.12
CA SER A 20 0.28 -8.71 0.23
C SER A 20 -1.03 -9.57 0.49
N ARG A 21 -2.18 -8.98 0.09
CA ARG A 21 -3.59 -9.39 0.39
C ARG A 21 -4.12 -10.50 -0.60
N GLN A 22 -3.87 -10.33 -1.91
CA GLN A 22 -4.02 -11.37 -2.97
C GLN A 22 -3.21 -12.69 -2.65
N SER A 23 -1.89 -12.64 -2.92
CA SER A 23 -0.91 -13.74 -2.66
C SER A 23 -1.35 -14.70 -1.48
N PRO A 24 -2.05 -15.86 -1.66
CA PRO A 24 -2.60 -16.79 -0.62
C PRO A 24 -2.21 -16.53 0.87
N LEU A 25 -2.61 -15.36 1.42
CA LEU A 25 -2.50 -14.92 2.85
C LEU A 25 -1.33 -15.56 3.70
N GLY A 26 -1.49 -15.55 5.05
CA GLY A 26 -0.67 -16.37 6.01
C GLY A 26 -1.23 -17.82 6.24
N MET A 1 -6.12 11.48 9.34
CA MET A 1 -6.77 12.81 9.11
C MET A 1 -6.00 13.63 8.02
N GLU A 2 -4.65 13.55 7.98
CA GLU A 2 -3.77 14.39 7.11
C GLU A 2 -3.90 14.01 5.58
N LEU A 3 -4.55 12.88 5.26
CA LEU A 3 -4.48 12.21 3.92
C LEU A 3 -3.02 11.82 3.48
N LYS A 4 -2.04 11.84 4.41
CA LYS A 4 -0.70 11.18 4.25
C LYS A 4 -0.08 11.32 2.82
N ALA A 5 0.30 12.54 2.38
CA ALA A 5 1.24 12.75 1.23
C ALA A 5 2.77 12.63 1.59
N SER A 6 3.19 12.97 2.82
CA SER A 6 4.45 12.44 3.44
C SER A 6 4.36 10.89 3.79
N GLU A 7 3.26 10.22 3.39
CA GLU A 7 3.05 8.74 3.47
C GLU A 7 2.24 8.19 2.23
N PHE A 8 2.15 8.98 1.14
CA PHE A 8 1.45 8.57 -0.13
C PHE A 8 2.26 7.50 -0.96
N GLY A 9 3.60 7.49 -0.85
CA GLY A 9 4.46 6.36 -1.34
C GLY A 9 4.42 5.11 -0.38
N VAL A 10 4.39 5.36 0.94
CA VAL A 10 3.90 4.41 2.00
C VAL A 10 2.50 3.79 1.60
N VAL A 11 1.67 4.55 0.88
CA VAL A 11 0.29 4.14 0.44
C VAL A 11 0.36 3.13 -0.76
N LEU A 12 0.83 3.61 -1.94
CA LEU A 12 0.84 2.83 -3.22
C LEU A 12 1.79 1.58 -3.19
N SER A 13 2.86 1.64 -2.38
CA SER A 13 3.64 0.44 -1.94
C SER A 13 2.90 -0.47 -0.88
N VAL A 14 1.96 0.12 -0.11
CA VAL A 14 0.89 -0.63 0.62
C VAL A 14 -0.20 -1.19 -0.37
N ASP A 15 -0.30 -0.65 -1.58
CA ASP A 15 -1.15 -1.20 -2.69
C ASP A 15 -0.47 -2.49 -3.34
N ALA A 16 0.87 -2.46 -3.48
CA ALA A 16 1.75 -3.67 -3.48
C ALA A 16 1.51 -4.61 -2.23
N LEU A 17 1.04 -3.99 -1.12
CA LEU A 17 0.48 -4.66 0.09
C LEU A 17 -1.06 -4.95 0.03
N LYS A 18 -1.78 -4.45 -1.00
CA LYS A 18 -3.06 -5.06 -1.51
C LYS A 18 -2.79 -6.35 -2.37
N LEU A 19 -1.52 -6.50 -2.84
CA LEU A 19 -0.79 -7.75 -3.22
C LEU A 19 -0.25 -8.54 -1.96
N SER A 20 0.13 -7.81 -0.90
CA SER A 20 0.21 -8.35 0.51
C SER A 20 -1.02 -9.33 0.77
N ARG A 21 -2.20 -8.89 0.23
CA ARG A 21 -3.60 -9.25 0.64
C ARG A 21 -4.23 -10.36 -0.28
N GLN A 22 -4.04 -10.23 -1.61
CA GLN A 22 -4.51 -11.19 -2.66
C GLN A 22 -3.90 -12.64 -2.47
N SER A 23 -2.75 -12.88 -3.14
CA SER A 23 -2.20 -14.23 -3.49
C SER A 23 -2.55 -15.37 -2.44
N PRO A 24 -3.62 -16.21 -2.56
CA PRO A 24 -3.96 -17.39 -1.69
C PRO A 24 -2.90 -17.82 -0.61
N LEU A 25 -2.72 -16.98 0.44
CA LEU A 25 -2.20 -17.33 1.81
C LEU A 25 -0.89 -18.20 1.87
N GLY A 26 0.13 -17.72 2.62
CA GLY A 26 1.55 -18.19 2.55
C GLY A 26 1.78 -19.63 3.16
N MET A 1 0.66 15.30 8.92
CA MET A 1 0.21 16.72 8.78
C MET A 1 0.62 17.32 7.38
N GLU A 2 -0.12 18.32 6.87
CA GLU A 2 0.09 18.92 5.51
C GLU A 2 -0.26 17.92 4.34
N LEU A 3 -1.41 17.23 4.43
CA LEU A 3 -2.01 16.44 3.29
C LEU A 3 -1.20 15.13 2.94
N LYS A 4 -0.06 14.88 3.64
CA LYS A 4 0.70 13.57 3.59
C LYS A 4 0.77 12.93 2.15
N ALA A 5 1.57 13.51 1.24
CA ALA A 5 2.12 12.78 0.04
C ALA A 5 3.59 12.25 0.22
N SER A 6 4.41 12.88 1.07
CA SER A 6 5.58 12.18 1.73
C SER A 6 5.11 11.06 2.74
N GLU A 7 3.80 10.75 2.78
CA GLU A 7 3.19 9.58 3.48
C GLU A 7 1.93 8.99 2.72
N PHE A 8 1.57 9.55 1.55
CA PHE A 8 0.77 8.84 0.49
C PHE A 8 1.59 7.74 -0.29
N GLY A 9 2.89 7.97 -0.52
CA GLY A 9 3.82 6.94 -1.11
C GLY A 9 3.99 5.68 -0.16
N VAL A 10 4.13 5.93 1.15
CA VAL A 10 3.89 4.95 2.26
C VAL A 10 2.59 4.09 1.98
N VAL A 11 1.53 4.71 1.42
CA VAL A 11 0.17 4.12 1.23
C VAL A 11 0.17 3.13 0.01
N LEU A 12 0.69 3.59 -1.15
CA LEU A 12 0.68 2.83 -2.45
C LEU A 12 1.63 1.58 -2.44
N SER A 13 2.62 1.58 -1.51
CA SER A 13 3.39 0.36 -1.09
C SER A 13 2.58 -0.66 -0.20
N VAL A 14 1.62 -0.12 0.60
CA VAL A 14 0.52 -0.92 1.21
C VAL A 14 -0.47 -1.46 0.10
N ASP A 15 -0.57 -0.75 -1.04
CA ASP A 15 -1.28 -1.24 -2.27
C ASP A 15 -0.49 -2.42 -2.97
N ALA A 16 0.86 -2.34 -2.98
CA ALA A 16 1.79 -3.51 -3.05
C ALA A 16 1.49 -4.59 -1.93
N LEU A 17 0.92 -4.12 -0.81
CA LEU A 17 0.30 -4.94 0.30
C LEU A 17 -1.22 -5.27 0.08
N LYS A 18 -1.88 -4.71 -0.96
CA LYS A 18 -3.09 -5.30 -1.61
C LYS A 18 -2.72 -6.46 -2.63
N LEU A 19 -1.44 -6.46 -3.07
CA LEU A 19 -0.64 -7.61 -3.59
C LEU A 19 -0.11 -8.56 -2.45
N SER A 20 0.12 -7.98 -1.25
CA SER A 20 0.14 -8.75 0.05
C SER A 20 -0.97 -9.88 0.02
N ARG A 21 -2.13 -9.52 -0.59
CA ARG A 21 -3.49 -10.15 -0.42
C ARG A 21 -3.87 -11.10 -1.62
N GLN A 22 -3.82 -10.54 -2.85
CA GLN A 22 -4.08 -11.26 -4.16
C GLN A 22 -3.29 -12.63 -4.26
N SER A 23 -2.05 -12.65 -3.73
CA SER A 23 -1.16 -13.85 -3.69
C SER A 23 -1.29 -14.80 -4.95
N PRO A 24 -0.70 -14.55 -6.15
CA PRO A 24 -0.69 -15.43 -7.37
C PRO A 24 -1.32 -16.86 -7.22
N LEU A 25 -2.67 -16.93 -7.09
CA LEU A 25 -3.47 -18.19 -7.18
C LEU A 25 -2.83 -19.30 -8.09
N GLY A 26 -3.06 -20.59 -7.79
CA GLY A 26 -2.69 -21.74 -8.67
C GLY A 26 -1.19 -22.20 -8.53
N MET A 1 -2.78 14.33 10.75
CA MET A 1 -3.93 13.60 10.13
C MET A 1 -4.67 14.51 9.07
N GLU A 2 -5.13 13.91 7.95
CA GLU A 2 -5.69 14.66 6.77
C GLU A 2 -4.56 15.35 5.90
N LEU A 3 -3.97 14.61 4.94
CA LEU A 3 -2.73 14.97 4.18
C LEU A 3 -1.92 13.72 3.69
N LYS A 4 -1.13 13.08 4.58
CA LYS A 4 -0.24 11.91 4.29
C LYS A 4 0.23 11.80 2.79
N ALA A 5 0.76 12.89 2.20
CA ALA A 5 1.64 12.83 0.97
C ALA A 5 3.15 12.50 1.24
N SER A 6 3.72 12.91 2.39
CA SER A 6 4.92 12.24 3.00
C SER A 6 4.61 10.78 3.53
N GLU A 7 3.41 10.25 3.23
CA GLU A 7 3.01 8.81 3.39
C GLU A 7 2.08 8.31 2.22
N PHE A 8 1.97 9.09 1.12
CA PHE A 8 1.30 8.68 -0.16
C PHE A 8 2.11 7.61 -0.97
N GLY A 9 3.45 7.58 -0.80
CA GLY A 9 4.32 6.44 -1.26
C GLY A 9 4.28 5.21 -0.28
N VAL A 10 4.21 5.49 1.04
CA VAL A 10 3.69 4.53 2.09
C VAL A 10 2.27 3.95 1.68
N VAL A 11 1.46 4.72 0.92
CA VAL A 11 0.08 4.33 0.48
C VAL A 11 0.15 3.28 -0.69
N LEU A 12 0.69 3.69 -1.86
CA LEU A 12 0.72 2.88 -3.12
C LEU A 12 1.69 1.64 -3.04
N SER A 13 2.78 1.77 -2.23
CA SER A 13 3.59 0.61 -1.74
C SER A 13 2.88 -0.26 -0.62
N VAL A 14 1.95 0.36 0.14
CA VAL A 14 0.92 -0.39 0.92
C VAL A 14 -0.07 -1.14 -0.06
N ASP A 15 -0.29 -0.58 -1.25
CA ASP A 15 -1.15 -1.17 -2.33
C ASP A 15 -0.48 -2.44 -2.99
N ALA A 16 0.87 -2.40 -3.13
CA ALA A 16 1.75 -3.61 -3.24
C ALA A 16 1.53 -4.66 -2.08
N LEU A 17 1.11 -4.16 -0.90
CA LEU A 17 0.49 -4.99 0.19
C LEU A 17 -1.05 -5.24 0.10
N LYS A 18 -1.78 -4.54 -0.79
CA LYS A 18 -3.09 -5.05 -1.35
C LYS A 18 -2.86 -6.25 -2.36
N LEU A 19 -1.59 -6.42 -2.79
CA LEU A 19 -0.91 -7.67 -3.28
C LEU A 19 -0.42 -8.61 -2.12
N SER A 20 0.12 -7.99 -1.04
CA SER A 20 0.26 -8.65 0.30
C SER A 20 -0.99 -9.58 0.57
N ARG A 21 -2.18 -9.06 0.17
CA ARG A 21 -3.54 -9.70 0.27
C ARG A 21 -3.83 -10.69 -0.92
N GLN A 22 -3.56 -10.21 -2.16
CA GLN A 22 -3.52 -11.02 -3.42
C GLN A 22 -2.24 -11.92 -3.54
N SER A 23 -1.21 -11.40 -4.24
CA SER A 23 0.02 -12.11 -4.75
C SER A 23 0.05 -13.67 -4.51
N PRO A 24 -0.07 -14.59 -5.52
CA PRO A 24 0.08 -16.08 -5.35
C PRO A 24 1.47 -16.55 -4.78
N LEU A 25 1.95 -17.71 -5.27
CA LEU A 25 2.94 -18.61 -4.59
C LEU A 25 4.44 -18.13 -4.71
N GLY A 26 5.32 -18.54 -3.78
CA GLY A 26 6.72 -18.02 -3.66
C GLY A 26 6.85 -16.46 -3.84
N MET A 1 3.51 22.18 4.57
CA MET A 1 3.07 20.97 5.35
C MET A 1 2.25 19.98 4.45
N GLU A 2 2.90 18.99 3.81
CA GLU A 2 2.23 17.88 3.07
C GLU A 2 2.53 16.46 3.68
N LEU A 3 2.54 16.34 5.02
CA LEU A 3 3.05 15.13 5.75
C LEU A 3 2.52 13.77 5.15
N LYS A 4 1.18 13.59 5.12
CA LYS A 4 0.47 12.40 4.52
C LYS A 4 0.83 12.10 3.02
N ALA A 5 1.37 13.05 2.24
CA ALA A 5 2.12 12.74 0.98
C ALA A 5 3.57 12.17 1.22
N SER A 6 4.22 12.56 2.33
CA SER A 6 5.29 11.73 3.00
C SER A 6 4.70 10.42 3.67
N GLU A 7 3.45 10.07 3.35
CA GLU A 7 2.81 8.73 3.58
C GLU A 7 1.96 8.24 2.33
N PHE A 8 1.94 9.04 1.23
CA PHE A 8 1.27 8.66 -0.06
C PHE A 8 2.06 7.56 -0.87
N GLY A 9 3.39 7.45 -0.65
CA GLY A 9 4.22 6.27 -1.09
C GLY A 9 4.11 5.04 -0.11
N VAL A 10 3.99 5.30 1.21
CA VAL A 10 3.40 4.34 2.21
C VAL A 10 2.01 3.80 1.72
N VAL A 11 1.24 4.60 0.95
CA VAL A 11 -0.13 4.27 0.45
C VAL A 11 -0.05 3.28 -0.77
N LEU A 12 0.49 3.75 -1.91
CA LEU A 12 0.53 2.99 -3.21
C LEU A 12 1.52 1.77 -3.18
N SER A 13 2.59 1.86 -2.33
CA SER A 13 3.39 0.68 -1.87
C SER A 13 2.66 -0.25 -0.82
N VAL A 14 1.67 0.31 -0.09
CA VAL A 14 0.61 -0.48 0.62
C VAL A 14 -0.40 -1.13 -0.42
N ASP A 15 -0.52 -0.56 -1.63
CA ASP A 15 -1.30 -1.15 -2.76
C ASP A 15 -0.57 -2.41 -3.38
N ALA A 16 0.77 -2.32 -3.51
CA ALA A 16 1.70 -3.50 -3.50
C ALA A 16 1.50 -4.43 -2.24
N LEU A 17 1.02 -3.82 -1.13
CA LEU A 17 0.47 -4.50 0.08
C LEU A 17 -1.06 -4.87 0.00
N LYS A 18 -1.80 -4.44 -1.05
CA LYS A 18 -3.03 -5.13 -1.56
C LYS A 18 -2.65 -6.42 -2.42
N LEU A 19 -1.38 -6.49 -2.85
CA LEU A 19 -0.57 -7.70 -3.20
C LEU A 19 -0.02 -8.44 -1.94
N SER A 20 0.27 -7.67 -0.87
CA SER A 20 0.40 -8.22 0.53
C SER A 20 -0.74 -9.29 0.80
N ARG A 21 -1.96 -8.98 0.29
CA ARG A 21 -3.29 -9.58 0.64
C ARG A 21 -3.69 -10.76 -0.35
N GLN A 22 -3.71 -10.43 -1.67
CA GLN A 22 -3.77 -11.43 -2.78
C GLN A 22 -2.81 -12.67 -2.53
N SER A 23 -1.54 -12.50 -2.96
CA SER A 23 -0.44 -13.53 -2.87
C SER A 23 1.04 -12.96 -3.03
N PRO A 24 2.14 -13.62 -2.58
CA PRO A 24 3.57 -13.14 -2.68
C PRO A 24 4.25 -13.12 -4.10
N LEU A 25 3.61 -12.56 -5.15
CA LEU A 25 4.28 -12.02 -6.37
C LEU A 25 5.24 -13.04 -7.10
N GLY A 26 6.05 -12.57 -8.07
CA GLY A 26 7.15 -13.38 -8.71
C GLY A 26 6.65 -14.56 -9.62
N MET A 1 -1.59 21.97 9.02
CA MET A 1 -2.27 20.74 8.47
C MET A 1 -1.37 20.01 7.41
N GLU A 2 -1.58 18.70 7.18
CA GLU A 2 -0.74 17.87 6.24
C GLU A 2 -1.47 16.57 5.74
N LEU A 3 -1.88 16.53 4.46
CA LEU A 3 -2.57 15.37 3.80
C LEU A 3 -2.00 13.95 4.20
N LYS A 4 -0.66 13.81 4.33
CA LYS A 4 0.11 12.52 4.22
C LYS A 4 0.49 12.16 2.73
N ALA A 5 1.01 13.14 1.94
CA ALA A 5 1.84 12.86 0.72
C ALA A 5 3.34 12.45 1.01
N SER A 6 3.95 12.91 2.11
CA SER A 6 5.11 12.20 2.75
C SER A 6 4.70 10.83 3.42
N GLU A 7 3.48 10.34 3.14
CA GLU A 7 3.02 8.94 3.38
C GLU A 7 2.09 8.40 2.22
N PHE A 8 1.99 9.15 1.09
CA PHE A 8 1.32 8.69 -0.16
C PHE A 8 2.14 7.59 -0.95
N GLY A 9 3.47 7.58 -0.79
CA GLY A 9 4.33 6.42 -1.23
C GLY A 9 4.28 5.19 -0.23
N VAL A 10 4.16 5.49 1.08
CA VAL A 10 3.63 4.55 2.13
C VAL A 10 2.23 3.96 1.74
N VAL A 11 1.41 4.72 0.99
CA VAL A 11 0.02 4.34 0.57
C VAL A 11 0.06 3.29 -0.59
N LEU A 12 0.61 3.69 -1.76
CA LEU A 12 0.63 2.86 -3.01
C LEU A 12 1.58 1.61 -2.92
N SER A 13 2.64 1.71 -2.08
CA SER A 13 3.42 0.53 -1.57
C SER A 13 2.67 -0.35 -0.49
N VAL A 14 1.80 0.30 0.30
CA VAL A 14 0.73 -0.42 1.07
C VAL A 14 -0.25 -1.17 0.07
N ASP A 15 -0.44 -0.59 -1.12
CA ASP A 15 -1.24 -1.19 -2.25
C ASP A 15 -0.48 -2.41 -2.91
N ALA A 16 0.89 -2.34 -2.91
CA ALA A 16 1.79 -3.53 -3.00
C ALA A 16 1.55 -4.59 -1.85
N LEU A 17 1.03 -4.11 -0.71
CA LEU A 17 0.40 -4.98 0.34
C LEU A 17 -1.15 -5.24 0.24
N LYS A 18 -1.86 -4.61 -0.72
CA LYS A 18 -3.16 -5.14 -1.27
C LYS A 18 -2.90 -6.34 -2.28
N LEU A 19 -1.70 -6.34 -2.89
CA LEU A 19 -0.95 -7.46 -3.52
C LEU A 19 -0.17 -8.33 -2.45
N SER A 20 0.04 -7.80 -1.23
CA SER A 20 0.28 -8.63 0.00
C SER A 20 -0.89 -9.71 0.16
N ARG A 21 -2.14 -9.22 -0.09
CA ARG A 21 -3.46 -9.88 0.18
C ARG A 21 -3.84 -10.93 -0.93
N GLN A 22 -3.94 -10.41 -2.17
CA GLN A 22 -4.04 -11.23 -3.42
C GLN A 22 -3.00 -12.42 -3.45
N SER A 23 -1.77 -12.12 -3.92
CA SER A 23 -0.68 -13.10 -4.22
C SER A 23 -0.59 -14.30 -3.19
N PRO A 24 -1.02 -15.57 -3.45
CA PRO A 24 -0.88 -16.78 -2.58
C PRO A 24 0.00 -16.64 -1.29
N LEU A 25 -0.55 -15.92 -0.28
CA LEU A 25 -0.04 -15.90 1.13
C LEU A 25 0.77 -17.20 1.51
N GLY A 26 1.94 -17.05 2.15
CA GLY A 26 2.82 -18.19 2.60
C GLY A 26 3.52 -18.95 1.41
N MET A 1 0.07 14.76 11.67
CA MET A 1 -0.94 13.80 11.12
C MET A 1 -1.06 13.93 9.56
N GLU A 2 -2.04 14.68 9.02
CA GLU A 2 -2.19 14.95 7.55
C GLU A 2 -2.67 13.71 6.74
N LEU A 3 -3.56 13.90 5.74
CA LEU A 3 -3.91 12.90 4.69
C LEU A 3 -2.67 12.14 4.08
N LYS A 4 -1.42 12.51 4.42
CA LYS A 4 -0.20 11.67 4.16
C LYS A 4 0.24 11.67 2.65
N ALA A 5 1.00 12.69 2.21
CA ALA A 5 1.89 12.61 1.00
C ALA A 5 3.39 12.24 1.30
N SER A 6 3.93 12.62 2.48
CA SER A 6 5.10 11.91 3.09
C SER A 6 4.74 10.46 3.60
N GLU A 7 3.51 9.98 3.29
CA GLU A 7 3.05 8.55 3.43
C GLU A 7 1.99 8.17 2.34
N PHE A 8 1.87 8.98 1.26
CA PHE A 8 1.18 8.59 -0.02
C PHE A 8 2.00 7.56 -0.88
N GLY A 9 3.34 7.53 -0.70
CA GLY A 9 4.20 6.39 -1.17
C GLY A 9 4.12 5.12 -0.22
N VAL A 10 4.06 5.35 1.10
CA VAL A 10 3.54 4.37 2.11
C VAL A 10 2.13 3.80 1.70
N VAL A 11 1.32 4.59 0.96
CA VAL A 11 -0.05 4.21 0.47
C VAL A 11 0.03 3.21 -0.74
N LEU A 12 0.51 3.69 -1.90
CA LEU A 12 0.52 2.93 -3.20
C LEU A 12 1.51 1.71 -3.19
N SER A 13 2.59 1.81 -2.37
CA SER A 13 3.42 0.64 -1.93
C SER A 13 2.69 -0.30 -0.88
N VAL A 14 1.74 0.25 -0.12
CA VAL A 14 0.70 -0.52 0.62
C VAL A 14 -0.37 -1.15 -0.36
N ASP A 15 -0.50 -0.62 -1.58
CA ASP A 15 -1.30 -1.23 -2.70
C ASP A 15 -0.59 -2.50 -3.31
N ALA A 16 0.76 -2.42 -3.47
CA ALA A 16 1.70 -3.60 -3.47
C ALA A 16 1.54 -4.51 -2.17
N LEU A 17 1.05 -3.89 -1.08
CA LEU A 17 0.51 -4.58 0.14
C LEU A 17 -1.02 -4.98 0.07
N LYS A 18 -1.77 -4.49 -0.94
CA LYS A 18 -3.00 -5.18 -1.45
C LYS A 18 -2.66 -6.46 -2.32
N LEU A 19 -1.36 -6.58 -2.71
CA LEU A 19 -0.58 -7.81 -3.05
C LEU A 19 0.01 -8.52 -1.78
N SER A 20 0.41 -7.71 -0.76
CA SER A 20 0.51 -8.23 0.66
C SER A 20 -0.75 -9.16 0.95
N ARG A 21 -1.92 -8.73 0.41
CA ARG A 21 -3.33 -9.20 0.43
C ARG A 21 -3.65 -10.09 -0.86
N GLN A 22 -3.03 -9.69 -1.99
CA GLN A 22 -3.41 -9.92 -3.41
C GLN A 22 -4.97 -9.99 -3.62
N SER A 23 -5.51 -8.89 -4.19
CA SER A 23 -6.87 -8.75 -4.82
C SER A 23 -7.90 -9.90 -4.47
N PRO A 24 -8.84 -9.79 -3.50
CA PRO A 24 -9.97 -10.74 -3.21
C PRO A 24 -10.23 -11.87 -4.26
N LEU A 25 -9.36 -12.91 -4.26
CA LEU A 25 -9.55 -14.24 -4.94
C LEU A 25 -11.02 -14.49 -5.46
N GLY A 26 -11.18 -14.80 -6.76
CA GLY A 26 -12.51 -14.80 -7.47
C GLY A 26 -13.58 -15.77 -6.83
N MET A 1 -4.79 9.80 11.92
CA MET A 1 -3.96 8.57 11.73
C MET A 1 -2.56 8.92 11.12
N GLU A 2 -2.13 8.31 10.00
CA GLU A 2 -0.88 8.72 9.25
C GLU A 2 -0.91 8.31 7.73
N LEU A 3 -2.02 8.55 7.01
CA LEU A 3 -2.04 8.62 5.50
C LEU A 3 -0.81 9.43 4.92
N LYS A 4 -0.74 10.75 5.19
CA LYS A 4 0.38 11.66 4.75
C LYS A 4 0.53 11.74 3.18
N ALA A 5 1.00 12.88 2.64
CA ALA A 5 1.57 12.98 1.24
C ALA A 5 3.12 12.76 1.16
N SER A 6 3.90 13.14 2.19
CA SER A 6 5.21 12.49 2.53
C SER A 6 5.03 11.01 3.05
N GLU A 7 3.81 10.45 2.93
CA GLU A 7 3.40 9.04 3.27
C GLU A 7 2.26 8.51 2.33
N PHE A 8 1.93 9.26 1.24
CA PHE A 8 1.04 8.79 0.12
C PHE A 8 1.74 7.72 -0.80
N GLY A 9 3.07 7.79 -0.95
CA GLY A 9 3.89 6.73 -1.63
C GLY A 9 4.21 5.52 -0.68
N VAL A 10 4.18 5.76 0.65
CA VAL A 10 3.96 4.72 1.71
C VAL A 10 2.56 4.01 1.56
N VAL A 11 1.55 4.72 1.01
CA VAL A 11 0.14 4.24 0.82
C VAL A 11 0.05 3.26 -0.40
N LEU A 12 0.65 3.68 -1.55
CA LEU A 12 0.75 2.84 -2.80
C LEU A 12 1.72 1.61 -2.63
N SER A 13 2.69 1.74 -1.69
CA SER A 13 3.45 0.56 -1.12
C SER A 13 2.62 -0.33 -0.13
N VAL A 14 1.57 0.24 0.52
CA VAL A 14 0.47 -0.56 1.14
C VAL A 14 -0.37 -1.30 0.03
N ASP A 15 -0.50 -0.68 -1.16
CA ASP A 15 -1.14 -1.29 -2.37
C ASP A 15 -0.33 -2.52 -2.93
N ALA A 16 1.03 -2.44 -2.86
CA ALA A 16 1.94 -3.62 -2.87
C ALA A 16 1.61 -4.73 -1.78
N LEU A 17 1.00 -4.29 -0.67
CA LEU A 17 0.29 -5.19 0.31
C LEU A 17 -1.22 -5.48 0.01
N LYS A 18 -1.84 -4.79 -0.98
CA LYS A 18 -3.04 -5.32 -1.72
C LYS A 18 -2.64 -6.51 -2.69
N LEU A 19 -1.32 -6.59 -3.00
CA LEU A 19 -0.52 -7.79 -3.41
C LEU A 19 -0.16 -8.74 -2.22
N SER A 20 0.20 -8.15 -1.06
CA SER A 20 0.13 -8.83 0.29
C SER A 20 -1.19 -9.71 0.35
N ARG A 21 -2.28 -9.12 -0.20
CA ARG A 21 -3.70 -9.61 -0.19
C ARG A 21 -3.96 -10.75 -1.26
N GLN A 22 -3.38 -10.56 -2.47
CA GLN A 22 -3.21 -11.60 -3.53
C GLN A 22 -2.07 -12.64 -3.19
N SER A 23 -0.83 -12.31 -3.58
CA SER A 23 0.40 -13.15 -3.42
C SER A 23 0.37 -14.10 -2.14
N PRO A 24 0.27 -15.47 -2.22
CA PRO A 24 0.25 -16.41 -1.05
C PRO A 24 1.60 -16.61 -0.25
N LEU A 25 2.47 -15.59 -0.21
CA LEU A 25 3.92 -15.68 0.18
C LEU A 25 4.64 -17.02 -0.20
N GLY A 26 5.93 -17.17 0.19
CA GLY A 26 6.90 -18.13 -0.45
C GLY A 26 6.60 -18.41 -1.97
N MET A 1 2.39 21.98 4.83
CA MET A 1 3.61 21.29 5.36
C MET A 1 3.33 19.76 5.67
N GLU A 2 2.22 19.45 6.37
CA GLU A 2 2.01 18.14 7.06
C GLU A 2 0.72 17.40 6.55
N LEU A 3 -0.21 16.97 7.44
CA LEU A 3 -1.47 16.25 7.05
C LEU A 3 -1.24 15.16 5.94
N LYS A 4 -0.22 14.28 6.11
CA LYS A 4 0.15 13.22 5.12
C LYS A 4 0.49 13.79 3.69
N ALA A 5 0.49 12.93 2.66
CA ALA A 5 1.19 13.10 1.31
C ALA A 5 2.76 13.20 1.42
N SER A 6 3.26 13.35 2.68
CA SER A 6 4.63 12.91 3.10
C SER A 6 4.77 11.33 3.14
N GLU A 7 3.67 10.60 2.92
CA GLU A 7 3.40 9.15 3.20
C GLU A 7 2.46 8.52 2.11
N PHE A 8 2.18 9.24 1.00
CA PHE A 8 1.32 8.75 -0.13
C PHE A 8 2.03 7.64 -0.99
N GLY A 9 3.37 7.66 -1.06
CA GLY A 9 4.19 6.53 -1.64
C GLY A 9 4.42 5.35 -0.61
N VAL A 10 4.41 5.69 0.70
CA VAL A 10 4.11 4.73 1.82
C VAL A 10 2.71 4.03 1.60
N VAL A 11 1.74 4.72 0.97
CA VAL A 11 0.35 4.24 0.71
C VAL A 11 0.30 3.21 -0.47
N LEU A 12 0.86 3.59 -1.64
CA LEU A 12 0.89 2.74 -2.87
C LEU A 12 1.81 1.48 -2.74
N SER A 13 2.85 1.58 -1.86
CA SER A 13 3.60 0.41 -1.32
C SER A 13 2.81 -0.47 -0.27
N VAL A 14 1.83 0.15 0.44
CA VAL A 14 0.73 -0.59 1.13
C VAL A 14 -0.21 -1.31 0.07
N ASP A 15 -0.36 -0.70 -1.12
CA ASP A 15 -1.12 -1.28 -2.27
C ASP A 15 -0.39 -2.54 -2.89
N ALA A 16 0.98 -2.51 -2.87
CA ALA A 16 1.83 -3.74 -2.94
C ALA A 16 1.51 -4.82 -1.84
N LEU A 17 1.01 -4.36 -0.68
CA LEU A 17 0.30 -5.21 0.33
C LEU A 17 -1.24 -5.41 0.12
N LYS A 18 -1.86 -4.73 -0.87
CA LYS A 18 -3.12 -5.21 -1.53
C LYS A 18 -2.83 -6.40 -2.54
N LEU A 19 -1.54 -6.52 -2.94
CA LEU A 19 -0.83 -7.75 -3.43
C LEU A 19 -0.42 -8.73 -2.27
N SER A 20 -0.03 -8.16 -1.11
CA SER A 20 -0.02 -8.89 0.21
C SER A 20 -1.28 -9.85 0.29
N ARG A 21 -2.44 -9.31 -0.18
CA ARG A 21 -3.81 -9.89 -0.11
C ARG A 21 -4.11 -10.91 -1.29
N GLN A 22 -3.88 -10.43 -2.54
CA GLN A 22 -4.03 -11.29 -3.77
C GLN A 22 -3.24 -12.65 -3.64
N SER A 23 -2.12 -12.62 -2.90
CA SER A 23 -1.26 -13.80 -2.57
C SER A 23 -1.26 -14.95 -3.66
N PRO A 24 -0.30 -15.08 -4.63
CA PRO A 24 -0.18 -16.20 -5.62
C PRO A 24 -1.15 -17.41 -5.47
N LEU A 25 -2.45 -17.20 -5.78
CA LEU A 25 -3.52 -18.24 -5.94
C LEU A 25 -2.97 -19.71 -6.09
N GLY A 26 -3.49 -20.66 -5.29
CA GLY A 26 -2.80 -21.95 -4.94
C GLY A 26 -2.06 -21.92 -3.55
N MET A 1 -0.04 22.73 4.09
CA MET A 1 -0.45 21.63 3.16
C MET A 1 -1.27 20.52 3.93
N GLU A 2 -0.61 19.51 4.52
CA GLU A 2 -1.27 18.34 5.18
C GLU A 2 -1.99 17.39 4.16
N LEU A 3 -1.85 16.06 4.32
CA LEU A 3 -2.74 14.97 3.79
C LEU A 3 -1.95 13.65 3.48
N LYS A 4 -0.96 13.28 4.33
CA LYS A 4 0.00 12.17 4.05
C LYS A 4 0.39 12.04 2.53
N ALA A 5 1.10 13.03 1.96
CA ALA A 5 1.95 12.87 0.74
C ALA A 5 3.46 12.52 1.03
N SER A 6 4.01 12.94 2.19
CA SER A 6 5.20 12.26 2.82
C SER A 6 4.87 10.81 3.36
N GLU A 7 3.61 10.35 3.17
CA GLU A 7 3.13 8.96 3.42
C GLU A 7 2.10 8.47 2.34
N PHE A 8 1.96 9.21 1.21
CA PHE A 8 1.22 8.76 -0.02
C PHE A 8 2.02 7.67 -0.84
N GLY A 9 3.37 7.67 -0.73
CA GLY A 9 4.23 6.53 -1.21
C GLY A 9 4.20 5.29 -0.22
N VAL A 10 4.08 5.58 1.10
CA VAL A 10 3.60 4.60 2.15
C VAL A 10 2.20 3.97 1.76
N VAL A 11 1.33 4.73 1.06
CA VAL A 11 -0.06 4.33 0.68
C VAL A 11 -0.06 3.33 -0.52
N LEU A 12 0.49 3.75 -1.68
CA LEU A 12 0.55 2.93 -2.94
C LEU A 12 1.54 1.72 -2.85
N SER A 13 2.58 1.84 -1.98
CA SER A 13 3.38 0.68 -1.49
C SER A 13 2.64 -0.23 -0.44
N VAL A 14 1.63 0.33 0.27
CA VAL A 14 0.57 -0.47 0.97
C VAL A 14 -0.33 -1.23 -0.08
N ASP A 15 -0.53 -0.63 -1.26
CA ASP A 15 -1.26 -1.23 -2.42
C ASP A 15 -0.48 -2.46 -3.04
N ALA A 16 0.88 -2.36 -3.11
CA ALA A 16 1.81 -3.53 -3.18
C ALA A 16 1.57 -4.62 -2.04
N LEU A 17 1.05 -4.16 -0.89
CA LEU A 17 0.44 -5.07 0.15
C LEU A 17 -1.09 -5.39 -0.02
N LYS A 18 -1.80 -4.73 -0.95
CA LYS A 18 -3.05 -5.30 -1.58
C LYS A 18 -2.70 -6.51 -2.54
N LEU A 19 -1.42 -6.56 -2.99
CA LEU A 19 -0.63 -7.75 -3.46
C LEU A 19 -0.15 -8.67 -2.29
N SER A 20 0.30 -8.05 -1.17
CA SER A 20 0.40 -8.71 0.18
C SER A 20 -0.84 -9.68 0.38
N ARG A 21 -2.02 -9.21 -0.10
CA ARG A 21 -3.42 -9.61 0.27
C ARG A 21 -4.00 -10.71 -0.71
N GLN A 22 -3.83 -10.49 -2.03
CA GLN A 22 -4.04 -11.50 -3.12
C GLN A 22 -3.31 -12.88 -2.81
N SER A 23 -2.09 -13.03 -3.37
CA SER A 23 -1.25 -14.27 -3.29
C SER A 23 -2.02 -15.63 -3.53
N PRO A 24 -2.04 -16.29 -4.71
CA PRO A 24 -2.75 -17.59 -5.00
C PRO A 24 -2.19 -18.92 -4.36
N LEU A 25 -1.58 -18.86 -3.16
CA LEU A 25 -0.78 -19.96 -2.50
C LEU A 25 -0.07 -20.97 -3.48
N GLY A 26 0.40 -22.12 -2.95
CA GLY A 26 0.93 -23.29 -3.74
C GLY A 26 2.49 -23.42 -3.71
N MET A 1 -1.89 20.30 3.79
CA MET A 1 -2.52 19.27 2.90
C MET A 1 -1.45 18.60 1.96
N GLU A 2 -0.32 19.29 1.69
CA GLU A 2 0.73 18.83 0.72
C GLU A 2 1.77 17.84 1.35
N LEU A 3 2.24 18.12 2.59
CA LEU A 3 3.29 17.31 3.30
C LEU A 3 3.01 15.77 3.25
N LYS A 4 1.88 15.30 3.81
CA LYS A 4 1.46 13.86 3.93
C LYS A 4 1.51 13.03 2.60
N ALA A 5 2.07 13.53 1.47
CA ALA A 5 2.51 12.69 0.31
C ALA A 5 3.82 11.86 0.55
N SER A 6 4.70 12.34 1.46
CA SER A 6 5.66 11.45 2.20
C SER A 6 4.95 10.44 3.18
N GLU A 7 3.62 10.29 3.04
CA GLU A 7 2.82 9.11 3.50
C GLU A 7 1.74 8.64 2.45
N PHE A 8 1.64 9.35 1.30
CA PHE A 8 0.98 8.84 0.05
C PHE A 8 1.81 7.73 -0.70
N GLY A 9 3.14 7.70 -0.50
CA GLY A 9 4.03 6.56 -0.94
C GLY A 9 3.97 5.33 0.05
N VAL A 10 3.87 5.60 1.37
CA VAL A 10 3.33 4.64 2.39
C VAL A 10 1.96 4.02 1.94
N VAL A 11 1.14 4.78 1.18
CA VAL A 11 -0.24 4.38 0.74
C VAL A 11 -0.17 3.36 -0.46
N LEU A 12 0.37 3.80 -1.61
CA LEU A 12 0.42 2.99 -2.88
C LEU A 12 1.43 1.79 -2.81
N SER A 13 2.51 1.96 -1.99
CA SER A 13 3.37 0.82 -1.52
C SER A 13 2.69 -0.11 -0.43
N VAL A 14 1.72 0.45 0.32
CA VAL A 14 0.71 -0.37 1.07
C VAL A 14 -0.23 -1.14 0.05
N ASP A 15 -0.49 -0.54 -1.12
CA ASP A 15 -1.29 -1.15 -2.22
C ASP A 15 -0.53 -2.36 -2.91
N ALA A 16 0.83 -2.26 -2.98
CA ALA A 16 1.75 -3.43 -3.13
C ALA A 16 1.56 -4.54 -2.02
N LEU A 17 1.11 -4.10 -0.83
CA LEU A 17 0.52 -5.01 0.21
C LEU A 17 -1.01 -5.32 0.09
N LYS A 18 -1.75 -4.64 -0.81
CA LYS A 18 -3.03 -5.19 -1.40
C LYS A 18 -2.73 -6.35 -2.45
N LEU A 19 -1.46 -6.40 -2.92
CA LEU A 19 -0.71 -7.57 -3.46
C LEU A 19 -0.16 -8.54 -2.35
N SER A 20 0.28 -7.96 -1.22
CA SER A 20 0.43 -8.70 0.08
C SER A 20 -0.77 -9.72 0.26
N ARG A 21 -1.99 -9.23 -0.09
CA ARG A 21 -3.32 -9.91 0.06
C ARG A 21 -3.63 -10.92 -1.09
N GLN A 22 -3.64 -10.40 -2.35
CA GLN A 22 -3.76 -11.21 -3.61
C GLN A 22 -2.76 -12.43 -3.63
N SER A 23 -1.51 -12.16 -4.09
CA SER A 23 -0.32 -13.07 -3.98
C SER A 23 -0.65 -14.61 -3.85
N PRO A 24 -0.58 -15.49 -4.89
CA PRO A 24 -0.81 -16.97 -4.85
C PRO A 24 -1.04 -17.62 -3.43
N LEU A 25 -2.21 -17.34 -2.82
CA LEU A 25 -2.81 -18.08 -1.66
C LEU A 25 -2.11 -19.48 -1.36
N GLY A 26 -1.73 -19.73 -0.09
CA GLY A 26 -0.93 -20.92 0.33
C GLY A 26 -1.79 -22.12 0.87
N MET A 1 -6.66 16.53 12.02
CA MET A 1 -5.35 16.74 11.31
C MET A 1 -4.88 15.43 10.57
N GLU A 2 -4.83 15.44 9.22
CA GLU A 2 -4.31 14.32 8.37
C GLU A 2 -4.33 14.64 6.83
N LEU A 3 -3.52 13.93 6.02
CA LEU A 3 -3.65 13.87 4.53
C LEU A 3 -2.51 13.05 3.82
N LYS A 4 -1.30 13.01 4.42
CA LYS A 4 -0.26 11.96 4.13
C LYS A 4 0.13 11.89 2.60
N ALA A 5 0.78 12.93 2.04
CA ALA A 5 1.59 12.84 0.78
C ALA A 5 3.12 12.54 0.98
N SER A 6 3.76 13.05 2.05
CA SER A 6 5.01 12.42 2.61
C SER A 6 4.74 11.01 3.29
N GLU A 7 3.52 10.47 3.13
CA GLU A 7 3.14 9.05 3.41
C GLU A 7 2.07 8.52 2.38
N PHE A 8 1.85 9.25 1.26
CA PHE A 8 1.11 8.74 0.06
C PHE A 8 1.95 7.70 -0.79
N GLY A 9 3.30 7.81 -0.74
CA GLY A 9 4.21 6.74 -1.28
C GLY A 9 4.29 5.47 -0.32
N VAL A 10 4.26 5.71 1.00
CA VAL A 10 3.86 4.73 2.06
C VAL A 10 2.48 4.03 1.72
N VAL A 11 1.57 4.74 1.04
CA VAL A 11 0.19 4.26 0.70
C VAL A 11 0.22 3.24 -0.49
N LEU A 12 0.77 3.66 -1.66
CA LEU A 12 0.81 2.84 -2.92
C LEU A 12 1.77 1.59 -2.83
N SER A 13 2.82 1.71 -1.97
CA SER A 13 3.61 0.54 -1.48
C SER A 13 2.86 -0.37 -0.42
N VAL A 14 1.92 0.23 0.33
CA VAL A 14 0.85 -0.54 1.06
C VAL A 14 -0.11 -1.26 0.02
N ASP A 15 -0.30 -0.65 -1.16
CA ASP A 15 -1.12 -1.21 -2.28
C ASP A 15 -0.41 -2.46 -2.95
N ALA A 16 0.95 -2.43 -3.02
CA ALA A 16 1.81 -3.65 -3.11
C ALA A 16 1.54 -4.74 -2.00
N LEU A 17 1.08 -4.27 -0.82
CA LEU A 17 0.43 -5.13 0.22
C LEU A 17 -1.12 -5.33 0.09
N LYS A 18 -1.80 -4.66 -0.86
CA LYS A 18 -3.09 -5.14 -1.46
C LYS A 18 -2.84 -6.34 -2.47
N LEU A 19 -1.58 -6.47 -2.95
CA LEU A 19 -0.88 -7.69 -3.45
C LEU A 19 -0.42 -8.67 -2.31
N SER A 20 0.04 -8.09 -1.18
CA SER A 20 0.13 -8.80 0.14
C SER A 20 -1.13 -9.75 0.32
N ARG A 21 -2.31 -9.21 -0.09
CA ARG A 21 -3.69 -9.80 0.07
C ARG A 21 -4.04 -10.86 -1.05
N GLN A 22 -3.97 -10.38 -2.33
CA GLN A 22 -4.34 -11.22 -3.52
C GLN A 22 -3.73 -12.67 -3.45
N SER A 23 -2.58 -12.80 -2.73
CA SER A 23 -1.93 -14.12 -2.39
C SER A 23 -2.08 -15.22 -3.52
N PRO A 24 -1.21 -15.36 -4.55
CA PRO A 24 -1.40 -16.31 -5.69
C PRO A 24 -1.42 -17.85 -5.30
N LEU A 25 -0.86 -18.69 -6.19
CA LEU A 25 -1.19 -20.16 -6.31
C LEU A 25 -0.50 -21.08 -5.24
N GLY A 26 -1.09 -22.25 -4.93
CA GLY A 26 -0.38 -23.42 -4.30
C GLY A 26 0.22 -23.09 -2.89
N MET A 1 0.58 18.99 10.15
CA MET A 1 0.96 19.57 8.83
C MET A 1 1.39 18.45 7.79
N GLU A 2 1.64 17.22 8.28
CA GLU A 2 1.92 16.02 7.41
C GLU A 2 0.90 15.87 6.22
N LEU A 3 -0.40 15.72 6.52
CA LEU A 3 -1.45 15.27 5.55
C LEU A 3 -1.05 13.98 4.73
N LYS A 4 -0.06 13.21 5.22
CA LYS A 4 0.36 11.88 4.65
C LYS A 4 0.36 11.85 3.07
N ALA A 5 0.90 12.90 2.41
CA ALA A 5 1.44 12.81 1.01
C ALA A 5 2.98 12.52 0.93
N SER A 6 3.80 12.99 1.91
CA SER A 6 5.11 12.34 2.24
C SER A 6 4.93 10.91 2.90
N GLU A 7 3.68 10.41 2.97
CA GLU A 7 3.31 8.98 3.27
C GLU A 7 2.10 8.49 2.39
N PHE A 8 1.73 9.26 1.34
CA PHE A 8 0.97 8.74 0.15
C PHE A 8 1.83 7.77 -0.74
N GLY A 9 3.15 7.98 -0.79
CA GLY A 9 4.13 6.98 -1.37
C GLY A 9 4.25 5.69 -0.46
N VAL A 10 4.28 5.88 0.87
CA VAL A 10 4.01 4.84 1.91
C VAL A 10 2.64 4.09 1.66
N VAL A 11 1.64 4.76 1.07
CA VAL A 11 0.26 4.23 0.83
C VAL A 11 0.24 3.22 -0.37
N LEU A 12 0.68 3.68 -1.57
CA LEU A 12 0.83 2.85 -2.80
C LEU A 12 1.79 1.62 -2.64
N SER A 13 2.78 1.74 -1.71
CA SER A 13 3.55 0.57 -1.16
C SER A 13 2.74 -0.35 -0.16
N VAL A 14 1.75 0.23 0.55
CA VAL A 14 0.66 -0.56 1.21
C VAL A 14 -0.23 -1.27 0.10
N ASP A 15 -0.34 -0.67 -1.09
CA ASP A 15 -1.09 -1.24 -2.26
C ASP A 15 -0.32 -2.48 -2.88
N ALA A 16 1.04 -2.44 -2.85
CA ALA A 16 1.92 -3.64 -2.89
C ALA A 16 1.58 -4.74 -1.81
N LEU A 17 1.03 -4.29 -0.67
CA LEU A 17 0.31 -5.17 0.32
C LEU A 17 -1.22 -5.38 0.07
N LYS A 18 -1.83 -4.69 -0.91
CA LYS A 18 -3.08 -5.17 -1.60
C LYS A 18 -2.75 -6.34 -2.62
N LEU A 19 -1.45 -6.47 -2.98
CA LEU A 19 -0.71 -7.69 -3.46
C LEU A 19 -0.34 -8.69 -2.31
N SER A 20 0.04 -8.12 -1.13
CA SER A 20 0.03 -8.85 0.18
C SER A 20 -1.24 -9.81 0.25
N ARG A 21 -2.38 -9.27 -0.23
CA ARG A 21 -3.76 -9.86 -0.18
C ARG A 21 -4.02 -10.87 -1.37
N GLN A 22 -3.90 -10.36 -2.62
CA GLN A 22 -4.20 -11.14 -3.87
C GLN A 22 -3.59 -12.61 -3.82
N SER A 23 -2.26 -12.67 -3.68
CA SER A 23 -1.44 -13.92 -3.89
C SER A 23 -1.90 -14.76 -5.15
N PRO A 24 -1.54 -14.45 -6.43
CA PRO A 24 -1.97 -15.21 -7.64
C PRO A 24 -1.50 -16.72 -7.69
N LEU A 25 -1.15 -17.19 -8.91
CA LEU A 25 -1.16 -18.65 -9.29
C LEU A 25 0.10 -19.45 -8.82
N GLY A 26 0.12 -20.79 -9.02
CA GLY A 26 1.15 -21.71 -8.43
C GLY A 26 1.10 -21.80 -6.87
N MET A 1 -0.42 20.41 2.85
CA MET A 1 -0.43 19.41 1.73
C MET A 1 -1.27 18.13 2.12
N GLU A 2 -2.09 18.22 3.18
CA GLU A 2 -2.85 17.06 3.78
C GLU A 2 -1.94 16.12 4.65
N LEU A 3 -2.55 15.18 5.40
CA LEU A 3 -1.95 14.52 6.61
C LEU A 3 -0.82 13.46 6.31
N LYS A 4 -0.45 13.23 5.03
CA LYS A 4 0.23 11.98 4.53
C LYS A 4 0.45 11.95 2.97
N ALA A 5 1.11 12.99 2.39
CA ALA A 5 1.83 12.91 1.08
C ALA A 5 3.36 12.56 1.20
N SER A 6 4.03 12.93 2.32
CA SER A 6 5.28 12.24 2.79
C SER A 6 5.00 10.77 3.31
N GLU A 7 3.78 10.26 3.10
CA GLU A 7 3.37 8.82 3.31
C GLU A 7 2.34 8.34 2.23
N PHE A 8 2.14 9.13 1.14
CA PHE A 8 1.31 8.72 -0.06
C PHE A 8 2.00 7.63 -0.96
N GLY A 9 3.35 7.57 -0.94
CA GLY A 9 4.13 6.42 -1.52
C GLY A 9 4.27 5.20 -0.52
N VAL A 10 4.16 5.50 0.80
CA VAL A 10 3.76 4.52 1.87
C VAL A 10 2.31 3.94 1.61
N VAL A 11 1.42 4.72 0.95
CA VAL A 11 0.01 4.36 0.66
C VAL A 11 -0.08 3.36 -0.55
N LEU A 12 0.35 3.80 -1.75
CA LEU A 12 0.45 2.94 -2.98
C LEU A 12 1.44 1.74 -2.82
N SER A 13 2.39 1.86 -1.85
CA SER A 13 3.16 0.71 -1.28
C SER A 13 2.34 -0.22 -0.29
N VAL A 14 1.35 0.38 0.41
CA VAL A 14 0.25 -0.40 1.06
C VAL A 14 -0.60 -1.16 -0.04
N ASP A 15 -0.68 -0.59 -1.25
CA ASP A 15 -1.32 -1.21 -2.46
C ASP A 15 -0.45 -2.40 -3.02
N ALA A 16 0.90 -2.26 -2.94
CA ALA A 16 1.88 -3.40 -2.91
C ALA A 16 1.56 -4.48 -1.80
N LEU A 17 0.94 -4.02 -0.70
CA LEU A 17 0.27 -4.90 0.32
C LEU A 17 -1.24 -5.22 0.07
N LYS A 18 -1.88 -4.68 -0.99
CA LYS A 18 -3.07 -5.29 -1.68
C LYS A 18 -2.62 -6.50 -2.61
N LEU A 19 -1.31 -6.52 -2.98
CA LEU A 19 -0.46 -7.67 -3.38
C LEU A 19 -0.02 -8.58 -2.16
N SER A 20 0.26 -7.94 -1.00
CA SER A 20 0.26 -8.61 0.34
C SER A 20 -0.89 -9.69 0.41
N ARG A 21 -2.06 -9.31 -0.16
CA ARG A 21 -3.40 -9.97 0.02
C ARG A 21 -3.70 -11.07 -1.07
N GLN A 22 -3.60 -10.65 -2.36
CA GLN A 22 -3.59 -11.58 -3.53
C GLN A 22 -2.79 -12.92 -3.23
N SER A 23 -1.46 -12.87 -3.45
CA SER A 23 -0.48 -13.96 -3.16
C SER A 23 -0.81 -15.35 -3.86
N PRO A 24 0.13 -16.34 -4.00
CA PRO A 24 -0.09 -17.73 -4.53
C PRO A 24 -1.57 -18.19 -4.76
N LEU A 25 -2.19 -17.66 -5.86
CA LEU A 25 -3.44 -18.20 -6.45
C LEU A 25 -3.70 -19.73 -6.14
N GLY A 26 -4.98 -20.14 -6.03
CA GLY A 26 -5.38 -21.55 -5.68
C GLY A 26 -5.75 -21.77 -4.18
N MET A 1 2.34 9.08 10.36
CA MET A 1 0.85 9.08 10.44
C MET A 1 0.28 10.53 10.65
N GLU A 2 0.53 11.45 9.69
CA GLU A 2 -0.18 12.77 9.58
C GLU A 2 -1.03 12.91 8.26
N LEU A 3 -2.22 12.28 8.20
CA LEU A 3 -2.95 12.03 6.92
C LEU A 3 -2.01 11.55 5.74
N LYS A 4 -0.98 10.74 6.05
CA LYS A 4 0.28 10.54 5.24
C LYS A 4 0.17 10.94 3.73
N ALA A 5 0.42 12.21 3.37
CA ALA A 5 0.86 12.63 2.00
C ALA A 5 2.41 12.67 1.77
N SER A 6 3.22 12.98 2.80
CA SER A 6 4.65 12.55 2.89
C SER A 6 4.81 10.98 3.10
N GLU A 7 3.68 10.24 3.09
CA GLU A 7 3.61 8.74 3.05
C GLU A 7 2.39 8.24 2.20
N PHE A 8 1.92 9.08 1.23
CA PHE A 8 1.01 8.61 0.13
C PHE A 8 1.72 7.63 -0.89
N GLY A 9 3.00 7.88 -1.20
CA GLY A 9 3.89 6.90 -1.92
C GLY A 9 4.24 5.65 -1.03
N VAL A 10 4.28 5.86 0.30
CA VAL A 10 4.21 4.78 1.36
C VAL A 10 2.83 4.01 1.32
N VAL A 11 1.75 4.67 0.82
CA VAL A 11 0.38 4.08 0.65
C VAL A 11 0.35 3.14 -0.61
N LEU A 12 1.03 3.57 -1.69
CA LEU A 12 1.18 2.77 -2.96
C LEU A 12 2.11 1.51 -2.78
N SER A 13 3.05 1.61 -1.80
CA SER A 13 3.74 0.43 -1.19
C SER A 13 2.84 -0.43 -0.24
N VAL A 14 1.83 0.20 0.39
CA VAL A 14 0.66 -0.53 0.99
C VAL A 14 -0.18 -1.26 -0.14
N ASP A 15 -0.20 -0.68 -1.35
CA ASP A 15 -0.86 -1.26 -2.56
C ASP A 15 -0.11 -2.56 -3.08
N ALA A 16 1.24 -2.56 -2.99
CA ALA A 16 2.10 -3.78 -2.91
C ALA A 16 1.68 -4.79 -1.77
N LEU A 17 1.08 -4.26 -0.70
CA LEU A 17 0.29 -5.05 0.31
C LEU A 17 -1.23 -5.27 -0.02
N LYS A 18 -1.77 -4.64 -1.09
CA LYS A 18 -2.98 -5.15 -1.83
C LYS A 18 -2.62 -6.41 -2.73
N LEU A 19 -1.29 -6.59 -2.98
CA LEU A 19 -0.54 -7.85 -3.29
C LEU A 19 -0.28 -8.74 -2.02
N SER A 20 0.06 -8.09 -0.89
CA SER A 20 -0.10 -8.67 0.50
C SER A 20 -1.46 -9.49 0.57
N ARG A 21 -2.50 -8.90 -0.08
CA ARG A 21 -3.96 -9.17 0.12
C ARG A 21 -4.51 -10.29 -0.84
N GLN A 22 -4.14 -10.22 -2.14
CA GLN A 22 -4.19 -11.35 -3.12
C GLN A 22 -3.82 -12.74 -2.47
N SER A 23 -2.52 -13.03 -2.37
CA SER A 23 -1.90 -14.28 -1.82
C SER A 23 -2.93 -15.38 -1.33
N PRO A 24 -3.44 -16.35 -2.14
CA PRO A 24 -4.43 -17.38 -1.73
C PRO A 24 -3.92 -18.41 -0.65
N LEU A 25 -4.37 -19.68 -0.77
CA LEU A 25 -4.45 -20.69 0.34
C LEU A 25 -3.18 -21.60 0.46
N GLY A 26 -2.91 -22.20 1.63
CA GLY A 26 -1.69 -23.03 1.89
C GLY A 26 -0.33 -22.28 1.59
N MET A 1 -8.80 10.82 9.39
CA MET A 1 -7.90 12.02 9.39
C MET A 1 -6.43 11.64 8.97
N GLU A 2 -5.56 12.64 8.73
CA GLU A 2 -4.10 12.46 8.46
C GLU A 2 -3.77 12.19 6.94
N LEU A 3 -4.27 11.06 6.37
CA LEU A 3 -4.43 10.88 4.89
C LEU A 3 -3.06 10.89 4.10
N LYS A 4 -1.92 10.85 4.80
CA LYS A 4 -0.60 10.38 4.24
C LYS A 4 -0.29 10.92 2.80
N ALA A 5 0.23 12.16 2.66
CA ALA A 5 1.02 12.61 1.45
C ALA A 5 2.58 12.53 1.62
N SER A 6 3.16 12.89 2.79
CA SER A 6 4.49 12.37 3.24
C SER A 6 4.46 10.83 3.58
N GLU A 7 3.31 10.17 3.37
CA GLU A 7 3.09 8.68 3.43
C GLU A 7 2.18 8.18 2.26
N PHE A 8 1.96 9.02 1.21
CA PHE A 8 1.28 8.59 -0.06
C PHE A 8 2.15 7.59 -0.92
N GLY A 9 3.48 7.72 -0.87
CA GLY A 9 4.43 6.69 -1.43
C GLY A 9 4.48 5.38 -0.52
N VAL A 10 4.36 5.58 0.81
CA VAL A 10 3.96 4.54 1.81
C VAL A 10 2.58 3.86 1.44
N VAL A 11 1.69 4.59 0.75
CA VAL A 11 0.31 4.13 0.37
C VAL A 11 0.37 3.14 -0.85
N LEU A 12 1.03 3.56 -1.95
CA LEU A 12 1.08 2.81 -3.25
C LEU A 12 1.96 1.51 -3.19
N SER A 13 3.05 1.53 -2.40
CA SER A 13 3.74 0.29 -1.89
C SER A 13 2.98 -0.45 -0.73
N VAL A 14 2.07 0.26 -0.03
CA VAL A 14 0.96 -0.36 0.75
C VAL A 14 -0.06 -1.07 -0.24
N ASP A 15 -0.19 -0.55 -1.47
CA ASP A 15 -1.02 -1.15 -2.57
C ASP A 15 -0.34 -2.44 -3.16
N ALA A 16 1.02 -2.45 -3.21
CA ALA A 16 1.88 -3.67 -3.21
C ALA A 16 1.59 -4.66 -2.02
N LEU A 17 1.12 -4.08 -0.89
CA LEU A 17 0.44 -4.83 0.22
C LEU A 17 -1.11 -5.01 0.11
N LYS A 18 -1.78 -4.43 -0.90
CA LYS A 18 -3.08 -4.95 -1.45
C LYS A 18 -2.84 -6.23 -2.37
N LEU A 19 -1.58 -6.42 -2.82
CA LEU A 19 -0.89 -7.69 -3.22
C LEU A 19 -0.46 -8.57 -2.01
N SER A 20 0.01 -7.90 -0.92
CA SER A 20 0.06 -8.50 0.46
C SER A 20 -1.22 -9.42 0.70
N ARG A 21 -2.38 -8.93 0.21
CA ARG A 21 -3.77 -9.45 0.45
C ARG A 21 -4.19 -10.55 -0.59
N GLN A 22 -4.08 -10.20 -1.89
CA GLN A 22 -4.50 -11.10 -3.03
C GLN A 22 -4.13 -12.61 -2.77
N SER A 23 -2.89 -12.83 -2.29
CA SER A 23 -2.35 -14.19 -1.91
C SER A 23 -2.57 -15.29 -3.02
N PRO A 24 -1.57 -15.73 -3.84
CA PRO A 24 -1.67 -16.80 -4.90
C PRO A 24 -3.02 -17.57 -5.01
N LEU A 25 -4.08 -16.86 -5.49
CA LEU A 25 -5.30 -17.46 -6.12
C LEU A 25 -6.04 -18.53 -5.22
N GLY A 26 -7.12 -19.16 -5.75
CA GLY A 26 -7.88 -20.25 -5.06
C GLY A 26 -8.18 -19.96 -3.54
N MET A 1 -6.15 10.09 2.20
CA MET A 1 -6.76 11.39 2.63
C MET A 1 -5.96 12.63 2.09
N GLU A 2 -6.00 13.80 2.76
CA GLU A 2 -5.47 15.09 2.22
C GLU A 2 -3.90 15.19 2.27
N LEU A 3 -3.34 15.96 3.22
CA LEU A 3 -1.89 16.39 3.21
C LEU A 3 -0.90 15.21 2.89
N LYS A 4 -0.94 14.12 3.68
CA LYS A 4 -0.17 12.84 3.46
C LYS A 4 0.36 12.64 2.00
N ALA A 5 1.53 13.18 1.65
CA ALA A 5 2.37 12.74 0.48
C ALA A 5 3.81 12.21 0.87
N SER A 6 4.38 12.69 2.00
CA SER A 6 5.41 11.93 2.78
C SER A 6 4.83 10.64 3.48
N GLU A 7 3.58 10.26 3.13
CA GLU A 7 2.93 8.95 3.44
C GLU A 7 2.02 8.42 2.27
N PHE A 8 1.95 9.16 1.14
CA PHE A 8 1.26 8.71 -0.12
C PHE A 8 2.06 7.61 -0.91
N GLY A 9 3.39 7.54 -0.72
CA GLY A 9 4.23 6.36 -1.13
C GLY A 9 4.11 5.15 -0.14
N VAL A 10 3.98 5.45 1.17
CA VAL A 10 3.42 4.51 2.21
C VAL A 10 2.00 3.94 1.79
N VAL A 11 1.20 4.74 1.05
CA VAL A 11 -0.21 4.41 0.65
C VAL A 11 -0.22 3.39 -0.55
N LEU A 12 0.32 3.80 -1.72
CA LEU A 12 0.34 2.96 -2.97
C LEU A 12 1.32 1.75 -2.91
N SER A 13 2.40 1.87 -2.10
CA SER A 13 3.22 0.70 -1.61
C SER A 13 2.53 -0.18 -0.50
N VAL A 14 1.60 0.43 0.26
CA VAL A 14 0.56 -0.34 1.03
C VAL A 14 -0.39 -1.13 0.03
N ASP A 15 -0.63 -0.53 -1.16
CA ASP A 15 -1.40 -1.16 -2.29
C ASP A 15 -0.58 -2.34 -2.95
N ALA A 16 0.77 -2.20 -2.98
CA ALA A 16 1.75 -3.34 -3.10
C ALA A 16 1.57 -4.44 -1.97
N LEU A 17 1.07 -4.00 -0.81
CA LEU A 17 0.50 -4.92 0.25
C LEU A 17 -1.04 -5.22 0.13
N LYS A 18 -1.78 -4.64 -0.82
CA LYS A 18 -3.04 -5.23 -1.40
C LYS A 18 -2.70 -6.40 -2.42
N LEU A 19 -1.44 -6.42 -2.91
CA LEU A 19 -0.65 -7.58 -3.44
C LEU A 19 -0.09 -8.51 -2.31
N SER A 20 0.32 -7.91 -1.17
CA SER A 20 0.47 -8.62 0.15
C SER A 20 -0.70 -9.69 0.32
N ARG A 21 -1.91 -9.30 -0.14
CA ARG A 21 -3.23 -9.96 0.16
C ARG A 21 -3.69 -10.97 -0.96
N GLN A 22 -3.79 -10.46 -2.21
CA GLN A 22 -4.20 -11.24 -3.42
C GLN A 22 -3.63 -12.72 -3.40
N SER A 23 -2.41 -12.87 -3.96
CA SER A 23 -1.75 -14.19 -4.24
C SER A 23 -2.66 -15.23 -5.00
N PRO A 24 -2.16 -16.35 -5.61
CA PRO A 24 -3.01 -17.38 -6.30
C PRO A 24 -3.99 -18.17 -5.35
N LEU A 25 -4.15 -19.49 -5.61
CA LEU A 25 -5.21 -20.38 -5.04
C LEU A 25 -4.79 -21.12 -3.71
N GLY A 26 -5.59 -21.01 -2.63
CA GLY A 26 -5.25 -21.55 -1.27
C GLY A 26 -6.07 -22.84 -0.86
N MET A 1 -9.50 13.94 3.12
CA MET A 1 -9.12 13.27 4.41
C MET A 1 -7.60 12.85 4.40
N GLU A 2 -7.00 12.58 5.58
CA GLU A 2 -5.72 11.82 5.70
C GLU A 2 -4.58 12.38 4.76
N LEU A 3 -4.46 13.72 4.63
CA LEU A 3 -3.74 14.40 3.51
C LEU A 3 -2.39 13.69 3.09
N LYS A 4 -1.52 13.35 4.05
CA LYS A 4 -0.46 12.30 3.93
C LYS A 4 0.10 12.07 2.48
N ALA A 5 0.77 13.07 1.87
CA ALA A 5 1.64 12.87 0.66
C ALA A 5 3.16 12.60 0.96
N SER A 6 3.70 13.12 2.08
CA SER A 6 4.92 12.54 2.74
C SER A 6 4.66 11.11 3.37
N GLU A 7 3.46 10.54 3.14
CA GLU A 7 3.07 9.12 3.44
C GLU A 7 2.09 8.54 2.36
N PHE A 8 1.87 9.25 1.23
CA PHE A 8 1.17 8.70 0.01
C PHE A 8 2.05 7.67 -0.80
N GLY A 9 3.39 7.80 -0.74
CA GLY A 9 4.34 6.74 -1.24
C GLY A 9 4.39 5.49 -0.27
N VAL A 10 4.26 5.74 1.05
CA VAL A 10 3.88 4.73 2.09
C VAL A 10 2.52 4.00 1.72
N VAL A 11 1.58 4.70 1.07
CA VAL A 11 0.19 4.21 0.78
C VAL A 11 0.19 3.20 -0.42
N LEU A 12 0.67 3.64 -1.61
CA LEU A 12 0.69 2.83 -2.87
C LEU A 12 1.67 1.60 -2.81
N SER A 13 2.73 1.71 -1.96
CA SER A 13 3.54 0.54 -1.49
C SER A 13 2.80 -0.38 -0.44
N VAL A 14 1.85 0.19 0.33
CA VAL A 14 0.81 -0.60 1.06
C VAL A 14 -0.16 -1.32 0.03
N ASP A 15 -0.36 -0.71 -1.15
CA ASP A 15 -1.17 -1.27 -2.28
C ASP A 15 -0.46 -2.51 -2.95
N ALA A 16 0.90 -2.46 -3.07
CA ALA A 16 1.79 -3.65 -3.19
C ALA A 16 1.55 -4.75 -2.08
N LEU A 17 1.06 -4.30 -0.91
CA LEU A 17 0.46 -5.21 0.13
C LEU A 17 -1.09 -5.48 0.03
N LYS A 18 -1.82 -4.74 -0.83
CA LYS A 18 -3.12 -5.24 -1.42
C LYS A 18 -2.87 -6.44 -2.43
N LEU A 19 -1.61 -6.54 -2.93
CA LEU A 19 -0.90 -7.75 -3.46
C LEU A 19 -0.39 -8.72 -2.33
N SER A 20 0.17 -8.13 -1.24
CA SER A 20 0.27 -8.83 0.10
C SER A 20 -1.05 -9.68 0.33
N ARG A 21 -2.20 -9.06 -0.06
CA ARG A 21 -3.61 -9.54 0.08
C ARG A 21 -3.98 -10.64 -1.01
N GLN A 22 -3.48 -10.43 -2.25
CA GLN A 22 -3.57 -11.39 -3.39
C GLN A 22 -2.29 -12.29 -3.53
N SER A 23 -1.44 -11.99 -4.54
CA SER A 23 -0.43 -12.93 -5.15
C SER A 23 0.58 -13.57 -4.11
N PRO A 24 0.38 -14.77 -3.50
CA PRO A 24 1.36 -15.40 -2.56
C PRO A 24 2.75 -15.78 -3.21
N LEU A 25 3.32 -16.93 -2.80
CA LEU A 25 4.76 -17.30 -2.95
C LEU A 25 5.12 -17.93 -4.34
N GLY A 26 6.42 -18.07 -4.68
CA GLY A 26 6.91 -18.30 -6.09
C GLY A 26 6.76 -17.04 -7.02
N MET A 1 -2.41 18.76 7.73
CA MET A 1 -2.00 18.13 6.44
C MET A 1 -2.60 16.67 6.31
N GLU A 2 -3.83 16.54 5.81
CA GLU A 2 -4.73 15.36 6.06
C GLU A 2 -4.06 13.97 5.74
N LEU A 3 -4.37 13.36 4.57
CA LEU A 3 -4.06 11.92 4.26
C LEU A 3 -2.52 11.58 4.35
N LYS A 4 -1.62 12.57 4.21
CA LYS A 4 -0.14 12.41 4.07
C LYS A 4 0.31 12.14 2.58
N ALA A 5 0.94 13.14 1.91
CA ALA A 5 1.69 12.94 0.61
C ALA A 5 3.22 12.64 0.75
N SER A 6 3.92 13.17 1.78
CA SER A 6 5.15 12.53 2.34
C SER A 6 4.86 11.16 3.07
N GLU A 7 3.61 10.66 2.97
CA GLU A 7 3.10 9.33 3.45
C GLU A 7 2.07 8.69 2.44
N PHE A 8 1.84 9.35 1.28
CA PHE A 8 1.07 8.78 0.11
C PHE A 8 1.87 7.69 -0.69
N GLY A 9 3.22 7.76 -0.68
CA GLY A 9 4.11 6.67 -1.23
C GLY A 9 4.23 5.44 -0.25
N VAL A 10 4.22 5.72 1.07
CA VAL A 10 3.84 4.76 2.15
C VAL A 10 2.48 4.01 1.79
N VAL A 11 1.54 4.71 1.13
CA VAL A 11 0.15 4.23 0.84
C VAL A 11 0.15 3.21 -0.36
N LEU A 12 0.70 3.63 -1.51
CA LEU A 12 0.72 2.82 -2.78
C LEU A 12 1.70 1.58 -2.70
N SER A 13 2.77 1.71 -1.87
CA SER A 13 3.59 0.54 -1.39
C SER A 13 2.86 -0.37 -0.32
N VAL A 14 1.89 0.21 0.42
CA VAL A 14 0.85 -0.58 1.16
C VAL A 14 -0.11 -1.30 0.13
N ASP A 15 -0.33 -0.68 -1.04
CA ASP A 15 -1.14 -1.26 -2.17
C ASP A 15 -0.40 -2.48 -2.85
N ALA A 16 0.95 -2.43 -2.86
CA ALA A 16 1.83 -3.64 -3.01
C ALA A 16 1.56 -4.76 -1.93
N LEU A 17 1.08 -4.34 -0.74
CA LEU A 17 0.43 -5.24 0.27
C LEU A 17 -1.12 -5.43 0.12
N LYS A 18 -1.80 -4.72 -0.81
CA LYS A 18 -3.09 -5.18 -1.43
C LYS A 18 -2.83 -6.33 -2.50
N LEU A 19 -1.56 -6.44 -2.96
CA LEU A 19 -0.86 -7.65 -3.53
C LEU A 19 -0.41 -8.67 -2.44
N SER A 20 0.04 -8.15 -1.27
CA SER A 20 0.12 -8.92 0.03
C SER A 20 -1.13 -9.91 0.13
N ARG A 21 -2.30 -9.37 -0.28
CA ARG A 21 -3.69 -9.95 -0.12
C ARG A 21 -4.08 -10.90 -1.32
N GLN A 22 -4.02 -10.35 -2.55
CA GLN A 22 -4.32 -11.12 -3.82
C GLN A 22 -3.59 -12.51 -3.83
N SER A 23 -2.44 -12.59 -3.13
CA SER A 23 -1.49 -13.75 -3.14
C SER A 23 -2.17 -15.15 -3.44
N PRO A 24 -2.33 -15.67 -4.68
CA PRO A 24 -2.93 -16.99 -5.07
C PRO A 24 -3.29 -17.97 -3.89
N LEU A 25 -4.31 -17.62 -3.09
CA LEU A 25 -4.90 -18.42 -1.97
C LEU A 25 -4.48 -19.94 -1.97
N GLY A 26 -3.85 -20.43 -0.88
CA GLY A 26 -3.39 -21.85 -0.73
C GLY A 26 -4.53 -22.92 -0.98
N MET A 1 -9.84 10.42 2.30
CA MET A 1 -8.57 9.90 1.70
C MET A 1 -7.50 11.06 1.52
N GLU A 2 -6.50 10.88 0.65
CA GLU A 2 -5.19 11.60 0.71
C GLU A 2 -4.45 11.42 2.09
N LEU A 3 -4.75 12.29 3.09
CA LEU A 3 -4.55 11.98 4.55
C LEU A 3 -3.09 11.48 4.89
N LYS A 4 -2.07 11.86 4.11
CA LYS A 4 -0.72 11.21 3.97
C LYS A 4 -0.13 11.35 2.51
N ALA A 5 0.36 12.55 2.13
CA ALA A 5 1.37 12.72 1.03
C ALA A 5 2.87 12.59 1.47
N SER A 6 3.22 12.94 2.73
CA SER A 6 4.43 12.38 3.43
C SER A 6 4.30 10.85 3.77
N GLU A 7 3.23 10.19 3.30
CA GLU A 7 3.00 8.71 3.36
C GLU A 7 2.20 8.17 2.11
N PHE A 8 2.10 8.97 1.03
CA PHE A 8 1.41 8.57 -0.25
C PHE A 8 2.24 7.53 -1.10
N GLY A 9 3.58 7.52 -0.98
CA GLY A 9 4.45 6.40 -1.48
C GLY A 9 4.45 5.16 -0.49
N VAL A 10 4.31 5.46 0.83
CA VAL A 10 3.85 4.50 1.88
C VAL A 10 2.41 3.91 1.55
N VAL A 11 1.57 4.67 0.82
CA VAL A 11 0.18 4.28 0.43
C VAL A 11 0.21 3.23 -0.74
N LEU A 12 0.69 3.65 -1.93
CA LEU A 12 0.72 2.84 -3.19
C LEU A 12 1.71 1.61 -3.13
N SER A 13 2.76 1.75 -2.27
CA SER A 13 3.58 0.59 -1.76
C SER A 13 2.82 -0.33 -0.73
N VAL A 14 2.05 0.32 0.17
CA VAL A 14 1.02 -0.41 0.98
C VAL A 14 0.01 -1.16 0.01
N ASP A 15 -0.20 -0.62 -1.20
CA ASP A 15 -1.06 -1.22 -2.27
C ASP A 15 -0.35 -2.46 -2.95
N ALA A 16 1.00 -2.40 -3.07
CA ALA A 16 1.90 -3.58 -3.18
C ALA A 16 1.69 -4.67 -2.06
N LEU A 17 1.22 -4.22 -0.88
CA LEU A 17 0.60 -5.11 0.17
C LEU A 17 -0.95 -5.33 0.08
N LYS A 18 -1.69 -4.57 -0.75
CA LYS A 18 -3.01 -5.04 -1.31
C LYS A 18 -2.81 -6.22 -2.35
N LEU A 19 -1.55 -6.38 -2.82
CA LEU A 19 -0.90 -7.62 -3.36
C LEU A 19 -0.42 -8.62 -2.25
N SER A 20 0.20 -8.08 -1.18
CA SER A 20 0.30 -8.75 0.17
C SER A 20 -1.02 -9.58 0.45
N ARG A 21 -2.17 -8.97 0.05
CA ARG A 21 -3.56 -9.21 0.54
C ARG A 21 -4.38 -10.14 -0.43
N GLN A 22 -4.17 -9.98 -1.76
CA GLN A 22 -4.77 -10.79 -2.86
C GLN A 22 -4.27 -12.29 -2.85
N SER A 23 -3.18 -12.54 -3.60
CA SER A 23 -2.75 -13.89 -4.10
C SER A 23 -1.43 -13.89 -4.98
N PRO A 24 -0.46 -14.84 -4.87
CA PRO A 24 0.81 -14.85 -5.65
C PRO A 24 0.64 -14.96 -7.22
N LEU A 25 1.56 -15.70 -7.87
CA LEU A 25 1.92 -15.57 -9.32
C LEU A 25 0.92 -16.28 -10.30
N GLY A 26 0.89 -15.88 -11.59
CA GLY A 26 0.04 -16.51 -12.65
C GLY A 26 -1.51 -16.31 -12.44
N MET A 1 -6.74 12.72 -0.33
CA MET A 1 -7.70 13.51 0.51
C MET A 1 -7.12 13.75 1.96
N GLU A 2 -6.99 12.68 2.78
CA GLU A 2 -6.13 12.67 4.01
C GLU A 2 -5.24 11.38 4.10
N LEU A 3 -5.04 10.66 2.98
CA LEU A 3 -4.36 9.31 2.93
C LEU A 3 -2.86 9.30 3.43
N LYS A 4 -2.24 10.44 3.81
CA LYS A 4 -0.76 10.66 3.82
C LYS A 4 -0.20 11.08 2.41
N ALA A 5 0.28 12.33 2.25
CA ALA A 5 1.17 12.75 1.10
C ALA A 5 2.71 12.73 1.39
N SER A 6 3.17 13.09 2.60
CA SER A 6 4.48 12.60 3.16
C SER A 6 4.46 11.07 3.52
N GLU A 7 3.36 10.36 3.18
CA GLU A 7 3.16 8.88 3.31
C GLU A 7 2.25 8.32 2.15
N PHE A 8 2.11 9.08 1.04
CA PHE A 8 1.39 8.63 -0.20
C PHE A 8 2.18 7.56 -1.03
N GLY A 9 3.53 7.55 -0.94
CA GLY A 9 4.39 6.41 -1.42
C GLY A 9 4.41 5.21 -0.41
N VAL A 10 4.35 5.52 0.91
CA VAL A 10 3.89 4.59 2.00
C VAL A 10 2.46 3.98 1.68
N VAL A 11 1.61 4.70 0.92
CA VAL A 11 0.24 4.28 0.52
C VAL A 11 0.28 3.22 -0.64
N LEU A 12 0.82 3.63 -1.82
CA LEU A 12 0.82 2.79 -3.07
C LEU A 12 1.79 1.56 -2.99
N SER A 13 2.88 1.70 -2.19
CA SER A 13 3.69 0.53 -1.71
C SER A 13 3.00 -0.33 -0.58
N VAL A 14 2.07 0.28 0.19
CA VAL A 14 1.04 -0.47 0.99
C VAL A 14 0.05 -1.22 0.01
N ASP A 15 -0.18 -0.65 -1.19
CA ASP A 15 -1.06 -1.24 -2.26
C ASP A 15 -0.38 -2.50 -2.93
N ALA A 16 0.98 -2.47 -3.06
CA ALA A 16 1.85 -3.68 -3.19
C ALA A 16 1.62 -4.78 -2.06
N LEU A 17 1.17 -4.32 -0.89
CA LEU A 17 0.55 -5.19 0.17
C LEU A 17 -1.00 -5.43 0.07
N LYS A 18 -1.73 -4.64 -0.74
CA LYS A 18 -3.05 -5.08 -1.33
C LYS A 18 -2.85 -6.25 -2.39
N LEU A 19 -1.58 -6.44 -2.82
CA LEU A 19 -0.94 -7.67 -3.38
C LEU A 19 -0.48 -8.69 -2.27
N SER A 20 0.16 -8.15 -1.19
CA SER A 20 0.25 -8.84 0.15
C SER A 20 -1.09 -9.64 0.42
N ARG A 21 -2.22 -9.02 0.00
CA ARG A 21 -3.65 -9.30 0.38
C ARG A 21 -4.39 -10.18 -0.70
N GLN A 22 -3.97 -10.00 -1.98
CA GLN A 22 -4.19 -10.93 -3.13
C GLN A 22 -3.19 -12.14 -3.16
N SER A 23 -2.10 -11.99 -3.96
CA SER A 23 -1.01 -13.00 -4.18
C SER A 23 0.35 -12.38 -4.71
N PRO A 24 1.54 -13.06 -4.71
CA PRO A 24 2.87 -12.50 -5.14
C PRO A 24 3.14 -12.23 -6.66
N LEU A 25 2.12 -11.91 -7.46
CA LEU A 25 2.16 -11.82 -8.98
C LEU A 25 3.29 -12.69 -9.67
N GLY A 26 3.65 -12.30 -10.91
CA GLY A 26 4.91 -12.74 -11.60
C GLY A 26 4.91 -14.25 -12.04
#